data_8WVU
#
_entry.id   8WVU
#
_cell.length_a   1.00
_cell.length_b   1.00
_cell.length_c   1.00
_cell.angle_alpha   90.00
_cell.angle_beta   90.00
_cell.angle_gamma   90.00
#
_symmetry.space_group_name_H-M   'P 1'
#
loop_
_entity.id
_entity.type
_entity.pdbx_description
1 polymer 'Leucine-rich repeat-containing G-protein coupled receptor 4'
2 polymer R-spondin-1
3 polymer 'E3 ubiquitin-protein ligase RNF43'
#
loop_
_entity_poly.entity_id
_entity_poly.type
_entity_poly.pdbx_seq_one_letter_code
_entity_poly.pdbx_strand_id
1 'polypeptide(L)'
;MKTIIALSYIFCLVFADYKDDDDAAPPLCAAPCSCDGDRRVDCSGKGLTAVPEGLSAFTQALDISMNNITQLPEDAFKNF
PFLEELQLAGNDLSFIHPKALSGLKELKVLTLQNNQLKTVPSEAIRGLSALQSLRLDANHITSVPEDSFEGLVQLRHLWL
DDNSLTEVPVHPLSNLPTLQALTLALNKISSIPDFAFTNLSSLVVLHLHNNKIRSLSQHCFDGLDNLETLDLNYNNLGEF
PQAIKALPSLKELGFHSNSISVIPDGAFDGNPLLRTIHLYDNPLSFVGNSAFHNLSDLHSLVIRGASMVQQFPNLTGTVH
LESLTLTGTKISSIPNNLCQEQKMLRTLDLSYNNIRDLPSFNGCHALEEISLQRNQIYQIKEGTFQGLISLRILDLSRNL
IHEIHSRAFATLGPITNLDVSFNELTSFPTEGLNGLNQLKLVGNFKLKEALAAKDFVNLRSLSVPYAYQCCAFWGCDSYA
NLNTEDNSLQDHSVAQEKGTADAANVTSTLENEEHSQIIIHCTPSTGAFKPCEYLLGSWMIRLTVWFIFLVALFFNLLVI
LTTFASCTSLPSSKLFIGLISVSNLFMGIYTGILTFLDAVSWGRFAEFGIWWETGSGCKVAGFLAVFSSESAIFLLMLAT
VERSLSAKDIMKNGKSNHLKQFRVAALLAFLGATVAGCFPLFHRGEYSASPLCLPFPTGETPSLGFTVTLVLLNSLAFLL
MAVIYTKLYCNLEKEDLSENSQSSMIKHVAWLIFTNCIFFCPVAFFSFAPLITAISISPEIMKSVTLIFFPLPACLNPVL
YVFFNPKFKEDWKLLKRRVTKKSGSVSVSISS
;
A
2 'polypeptide(L)'
;EGSQACAKGCELCSEVNGCLKCSPKLFILLERNDIRQVGVCLPSCPPGYFDARNPDMNKCIKCKIEHCEACFSHNFCTKC
KEGLYLHKGRCYPACPEGSSAANGTMECSSAAAHHHHHHHH
;
B
3 'polypeptide(L)'
;QKAIIRVIPLKMDPTGKLNLTLEGVFAGVAEITPAEGKLMQSHPLYLCNASDDDNLEPGFISIVKLESPRRAPRPCLSLA
SKARMAGERGASAVLFDITEDRAAAEQLQQPLGLTWPVVLIWGNDAEKLMEFVYKNQKAHVRIELKEPPAWPDYDAAAHH
HHHHHH
;
C
#
# COMPACT_ATOMS: atom_id res chain seq x y z
N LEU A 28 60.73 13.27 4.15
CA LEU A 28 61.54 12.64 3.07
C LEU A 28 60.61 11.86 2.15
N CYS A 29 59.51 12.51 1.75
CA CYS A 29 58.51 11.80 0.91
C CYS A 29 58.44 12.43 -0.47
N ALA A 30 58.61 11.63 -1.49
CA ALA A 30 58.48 12.15 -2.86
C ALA A 30 57.14 12.86 -2.97
N ALA A 31 57.07 13.90 -3.79
CA ALA A 31 55.77 14.58 -3.99
C ALA A 31 54.82 13.58 -4.63
N PRO A 32 55.17 12.97 -5.75
CA PRO A 32 54.19 12.30 -6.57
C PRO A 32 53.35 11.54 -5.56
N CYS A 33 54.02 11.05 -4.49
CA CYS A 33 53.31 10.25 -3.47
C CYS A 33 53.55 10.87 -2.10
N SER A 34 52.85 11.99 -1.78
CA SER A 34 52.94 12.57 -0.42
C SER A 34 52.56 11.48 0.57
N CYS A 35 53.22 11.43 1.77
CA CYS A 35 52.97 10.31 2.71
C CYS A 35 52.00 10.74 3.82
N ASP A 36 51.50 9.79 4.63
CA ASP A 36 50.62 10.05 5.77
C ASP A 36 51.34 9.93 7.10
N GLY A 37 52.03 8.83 7.36
CA GLY A 37 52.77 8.58 8.58
C GLY A 37 52.49 7.19 9.11
N ASP A 38 52.98 6.95 10.35
CA ASP A 38 52.82 5.67 11.02
C ASP A 38 53.34 4.52 10.14
N ARG A 39 54.48 4.79 9.51
CA ARG A 39 55.10 3.81 8.63
C ARG A 39 54.15 3.34 7.53
N ARG A 40 53.28 4.25 7.07
CA ARG A 40 52.33 3.98 6.00
C ARG A 40 52.38 5.09 4.98
N VAL A 41 52.42 4.72 3.68
CA VAL A 41 52.46 5.68 2.58
C VAL A 41 51.25 5.44 1.69
N ASP A 42 50.49 6.50 1.45
CA ASP A 42 49.29 6.43 0.61
C ASP A 42 49.51 7.25 -0.65
N CYS A 43 49.32 6.63 -1.81
CA CYS A 43 49.50 7.31 -3.08
C CYS A 43 48.43 6.91 -4.09
N SER A 44 47.23 6.63 -3.60
CA SER A 44 46.15 6.20 -4.47
C SER A 44 45.69 7.33 -5.38
N GLY A 45 45.33 7.00 -6.60
CA GLY A 45 44.81 7.98 -7.56
C GLY A 45 45.81 9.02 -8.02
N LYS A 46 47.04 8.63 -8.32
CA LYS A 46 48.05 9.54 -8.84
C LYS A 46 48.41 9.29 -10.29
N GLY A 47 48.02 8.15 -10.86
CA GLY A 47 48.31 7.87 -12.24
C GLY A 47 49.76 7.54 -12.54
N LEU A 48 50.54 7.13 -11.54
CA LEU A 48 51.94 6.80 -11.75
C LEU A 48 52.08 5.55 -12.59
N THR A 49 53.04 5.54 -13.49
CA THR A 49 53.32 4.39 -14.34
C THR A 49 54.30 3.41 -13.71
N ALA A 50 54.87 3.76 -12.57
CA ALA A 50 55.83 2.88 -11.91
C ALA A 50 55.83 3.20 -10.42
N VAL A 51 56.41 2.30 -9.64
CA VAL A 51 56.49 2.49 -8.19
C VAL A 51 57.41 3.67 -7.89
N PRO A 52 56.99 4.66 -7.12
CA PRO A 52 57.85 5.83 -6.84
C PRO A 52 59.10 5.41 -6.07
N GLU A 53 60.19 6.10 -6.35
CA GLU A 53 61.48 5.83 -5.73
C GLU A 53 61.74 6.82 -4.60
N GLY A 54 62.75 6.51 -3.80
CA GLY A 54 63.13 7.35 -2.69
C GLY A 54 62.40 7.09 -1.40
N LEU A 55 61.40 6.20 -1.41
CA LEU A 55 60.66 5.89 -0.19
C LEU A 55 61.54 5.12 0.79
N SER A 56 61.28 5.33 2.08
CA SER A 56 62.04 4.65 3.12
C SER A 56 61.75 3.15 3.11
N ALA A 57 62.78 2.35 3.31
CA ALA A 57 62.61 0.90 3.34
C ALA A 57 61.94 0.40 4.62
N PHE A 58 61.74 1.26 5.62
CA PHE A 58 61.11 0.88 6.87
C PHE A 58 59.58 0.97 6.82
N THR A 59 59.01 1.33 5.69
CA THR A 59 57.57 1.44 5.56
C THR A 59 56.92 0.06 5.66
N GLN A 60 55.77 0.00 6.35
CA GLN A 60 55.04 -1.24 6.56
C GLN A 60 53.92 -1.44 5.55
N ALA A 61 53.02 -0.48 5.42
CA ALA A 61 51.87 -0.57 4.53
C ALA A 61 52.00 0.45 3.41
N LEU A 62 51.74 0.00 2.18
CA LEU A 62 51.80 0.85 1.00
C LEU A 62 50.49 0.76 0.23
N ASP A 63 50.03 1.90 -0.27
CA ASP A 63 48.80 1.97 -1.05
C ASP A 63 49.10 2.70 -2.35
N ILE A 64 49.17 1.96 -3.46
CA ILE A 64 49.45 2.53 -4.78
C ILE A 64 48.31 2.21 -5.72
N SER A 65 47.09 2.10 -5.17
CA SER A 65 45.93 1.74 -5.97
C SER A 65 45.51 2.89 -6.90
N MET A 66 44.53 2.59 -7.77
CA MET A 66 43.93 3.58 -8.67
C MET A 66 44.98 4.23 -9.57
N ASN A 67 45.83 3.41 -10.18
CA ASN A 67 46.83 3.90 -11.12
C ASN A 67 46.74 3.13 -12.44
N ASN A 68 47.73 3.31 -13.33
CA ASN A 68 47.75 2.67 -14.63
C ASN A 68 49.03 1.84 -14.81
N ILE A 69 49.40 1.08 -13.78
CA ILE A 69 50.58 0.22 -13.86
C ILE A 69 50.17 -1.07 -14.56
N THR A 70 50.62 -1.23 -15.82
CA THR A 70 50.24 -2.38 -16.63
C THR A 70 51.26 -3.50 -16.62
N GLN A 71 52.55 -3.20 -16.36
CA GLN A 71 53.60 -4.20 -16.38
C GLN A 71 54.40 -4.13 -15.08
N LEU A 72 54.74 -5.28 -14.56
CA LEU A 72 55.56 -5.36 -13.35
C LEU A 72 56.93 -5.89 -13.72
N PRO A 73 57.98 -5.06 -13.66
CA PRO A 73 59.31 -5.54 -14.03
C PRO A 73 59.89 -6.46 -12.95
N GLU A 74 60.95 -7.15 -13.34
CA GLU A 74 61.64 -8.01 -12.41
C GLU A 74 62.26 -7.20 -11.28
N ASP A 75 62.17 -7.72 -10.06
CA ASP A 75 62.69 -7.05 -8.86
C ASP A 75 62.11 -5.65 -8.71
N ALA A 76 60.79 -5.53 -8.93
CA ALA A 76 60.13 -4.23 -8.79
C ALA A 76 60.09 -3.76 -7.35
N PHE A 77 60.11 -4.70 -6.40
CA PHE A 77 60.07 -4.39 -4.97
C PHE A 77 61.41 -4.66 -4.31
N LYS A 78 62.51 -4.32 -5.02
CA LYS A 78 63.84 -4.56 -4.48
C LYS A 78 64.09 -3.75 -3.21
N ASN A 79 63.63 -2.50 -3.18
CA ASN A 79 63.83 -1.62 -2.04
C ASN A 79 62.68 -1.64 -1.05
N PHE A 80 61.94 -2.76 -0.97
CA PHE A 80 60.82 -2.90 -0.03
C PHE A 80 60.98 -4.21 0.74
N PRO A 81 61.90 -4.26 1.72
CA PRO A 81 62.10 -5.49 2.48
C PRO A 81 61.12 -5.67 3.63
N PHE A 82 60.56 -4.58 4.17
CA PHE A 82 59.70 -4.64 5.36
C PHE A 82 58.22 -4.46 5.02
N LEU A 83 57.83 -4.74 3.77
CA LEU A 83 56.44 -4.58 3.38
C LEU A 83 55.56 -5.62 4.06
N GLU A 84 54.38 -5.20 4.49
CA GLU A 84 53.43 -6.11 5.14
C GLU A 84 52.05 -6.01 4.50
N GLU A 85 51.70 -4.84 3.98
CA GLU A 85 50.40 -4.61 3.37
C GLU A 85 50.58 -3.95 2.02
N LEU A 86 49.86 -4.44 1.00
CA LEU A 86 49.95 -3.91 -0.35
C LEU A 86 48.58 -3.98 -1.01
N GLN A 87 48.27 -2.96 -1.79
CA GLN A 87 47.01 -2.86 -2.50
C GLN A 87 47.25 -2.46 -3.94
N LEU A 88 46.54 -3.08 -4.85
CA LEU A 88 46.63 -2.81 -6.28
C LEU A 88 45.24 -2.67 -6.88
N ALA A 89 44.39 -1.88 -6.22
CA ALA A 89 43.00 -1.73 -6.66
C ALA A 89 42.93 -0.81 -7.87
N GLY A 90 42.32 -1.30 -8.95
CA GLY A 90 42.12 -0.51 -10.15
C GLY A 90 43.40 -0.06 -10.84
N ASN A 91 44.16 -1.01 -11.39
CA ASN A 91 45.38 -0.71 -12.10
C ASN A 91 45.47 -1.29 -13.50
N ASP A 92 44.50 -2.10 -13.92
CA ASP A 92 44.49 -2.71 -15.26
C ASP A 92 45.76 -3.50 -15.52
N LEU A 93 46.26 -4.16 -14.48
CA LEU A 93 47.48 -4.94 -14.60
C LEU A 93 47.26 -6.12 -15.53
N SER A 94 48.24 -6.36 -16.41
CA SER A 94 48.13 -7.41 -17.42
C SER A 94 49.12 -8.54 -17.19
N PHE A 95 50.41 -8.25 -17.12
CA PHE A 95 51.45 -9.25 -16.98
C PHE A 95 52.27 -8.99 -15.73
N ILE A 96 52.56 -10.06 -15.02
CA ILE A 96 53.39 -10.01 -13.82
C ILE A 96 54.59 -10.91 -14.03
N HIS A 97 55.78 -10.38 -13.79
CA HIS A 97 56.98 -11.18 -13.94
C HIS A 97 57.03 -12.26 -12.85
N PRO A 98 57.51 -13.46 -13.16
CA PRO A 98 57.56 -14.52 -12.15
C PRO A 98 58.38 -14.17 -10.92
N LYS A 99 59.44 -13.38 -11.08
CA LYS A 99 60.31 -13.03 -9.98
C LYS A 99 60.04 -11.64 -9.42
N ALA A 100 58.91 -11.01 -9.80
CA ALA A 100 58.61 -9.67 -9.35
C ALA A 100 58.31 -9.62 -7.86
N LEU A 101 57.65 -10.66 -7.33
CA LEU A 101 57.25 -10.69 -5.92
C LEU A 101 58.30 -11.31 -5.01
N SER A 102 59.48 -11.66 -5.53
CA SER A 102 60.52 -12.25 -4.69
C SER A 102 61.05 -11.24 -3.69
N GLY A 103 61.46 -11.75 -2.51
CA GLY A 103 61.99 -10.91 -1.45
C GLY A 103 60.96 -10.41 -0.45
N LEU A 104 59.66 -10.68 -0.63
CA LEU A 104 58.61 -10.24 0.27
C LEU A 104 58.39 -11.34 1.32
N LYS A 105 59.19 -11.29 2.39
CA LYS A 105 59.13 -12.28 3.46
C LYS A 105 58.28 -11.83 4.64
N GLU A 106 57.68 -10.64 4.58
CA GLU A 106 56.88 -10.12 5.68
C GLU A 106 55.48 -9.70 5.25
N LEU A 107 55.10 -9.94 4.00
CA LEU A 107 53.78 -9.54 3.52
C LEU A 107 52.69 -10.35 4.23
N LYS A 108 51.64 -9.67 4.61
CA LYS A 108 50.53 -10.31 5.29
C LYS A 108 49.21 -10.16 4.55
N VAL A 109 48.93 -9.00 3.99
CA VAL A 109 47.70 -8.74 3.26
C VAL A 109 48.05 -8.20 1.89
N LEU A 110 47.62 -8.90 0.84
CA LEU A 110 47.80 -8.47 -0.55
C LEU A 110 46.45 -8.50 -1.24
N THR A 111 46.05 -7.36 -1.80
CA THR A 111 44.74 -7.23 -2.43
C THR A 111 44.91 -6.87 -3.89
N LEU A 112 44.47 -7.69 -4.84
CA LEU A 112 44.48 -7.35 -6.27
C LEU A 112 43.00 -7.39 -6.65
N GLN A 113 42.24 -6.29 -6.54
CA GLN A 113 40.76 -6.33 -6.61
C GLN A 113 40.01 -6.01 -7.91
N ASN A 114 40.44 -5.15 -8.79
CA ASN A 114 39.65 -4.88 -10.03
C ASN A 114 40.69 -4.64 -11.08
N ASN A 115 40.90 -5.60 -11.97
CA ASN A 115 42.05 -5.47 -12.84
C ASN A 115 41.76 -6.25 -14.12
N GLN A 116 42.80 -6.50 -14.91
CA GLN A 116 42.69 -7.26 -16.15
C GLN A 116 43.74 -8.36 -16.19
N LEU A 117 43.90 -9.06 -15.07
CA LEU A 117 44.88 -10.13 -15.01
C LEU A 117 44.55 -11.24 -16.00
N LYS A 118 43.27 -11.63 -16.08
CA LYS A 118 42.76 -12.68 -16.97
C LYS A 118 43.40 -14.04 -16.71
N THR A 119 44.08 -14.19 -15.60
CA THR A 119 44.70 -15.46 -15.25
C THR A 119 45.03 -15.45 -13.77
N VAL A 120 45.52 -16.58 -13.31
CA VAL A 120 45.93 -16.74 -11.91
C VAL A 120 47.45 -16.72 -11.87
N PRO A 121 48.08 -15.69 -11.30
CA PRO A 121 49.55 -15.68 -11.24
C PRO A 121 50.08 -16.63 -10.18
N SER A 122 50.00 -17.93 -10.44
CA SER A 122 50.45 -18.92 -9.47
C SER A 122 51.95 -18.82 -9.23
N GLU A 123 52.74 -18.63 -10.30
CA GLU A 123 54.18 -18.55 -10.13
C GLU A 123 54.61 -17.26 -9.43
N ALA A 124 53.87 -16.16 -9.66
CA ALA A 124 54.23 -14.89 -9.04
C ALA A 124 54.09 -14.93 -7.53
N ILE A 125 53.01 -15.56 -7.03
CA ILE A 125 52.73 -15.56 -5.60
C ILE A 125 53.31 -16.82 -4.95
N ARG A 126 54.18 -17.50 -5.70
CA ARG A 126 54.79 -18.72 -5.16
C ARG A 126 55.71 -18.42 -3.99
N GLY A 127 56.35 -17.27 -3.98
CA GLY A 127 57.30 -16.92 -2.94
C GLY A 127 56.72 -16.36 -1.66
N LEU A 128 55.39 -16.27 -1.55
CA LEU A 128 54.76 -15.73 -0.35
C LEU A 128 54.47 -16.85 0.63
N SER A 129 54.91 -16.70 1.88
CA SER A 129 54.72 -17.69 2.91
C SER A 129 53.97 -17.16 4.14
N ALA A 130 54.04 -15.88 4.39
CA ALA A 130 53.36 -15.29 5.54
C ALA A 130 52.05 -14.59 5.16
N LEU A 131 51.58 -14.79 3.94
CA LEU A 131 50.34 -14.16 3.51
C LEU A 131 49.15 -14.72 4.27
N GLN A 132 48.22 -13.85 4.65
CA GLN A 132 47.02 -14.25 5.37
C GLN A 132 45.72 -13.93 4.63
N SER A 133 45.70 -12.95 3.77
CA SER A 133 44.52 -12.60 3.01
C SER A 133 44.91 -12.35 1.57
N LEU A 134 43.99 -12.65 0.65
CA LEU A 134 44.22 -12.47 -0.77
C LEU A 134 42.90 -12.22 -1.47
N ARG A 135 42.83 -11.11 -2.20
CA ARG A 135 41.63 -10.75 -2.95
C ARG A 135 41.92 -10.84 -4.44
N LEU A 136 41.10 -11.59 -5.18
CA LEU A 136 41.24 -11.76 -6.62
C LEU A 136 39.87 -11.64 -7.29
N ASP A 137 39.09 -10.66 -6.89
CA ASP A 137 37.75 -10.48 -7.42
C ASP A 137 37.75 -9.56 -8.63
N ALA A 138 36.96 -9.90 -9.62
CA ALA A 138 36.76 -9.10 -10.83
C ALA A 138 38.08 -8.88 -11.57
N ASN A 139 38.66 -9.98 -12.03
CA ASN A 139 39.89 -9.95 -12.81
C ASN A 139 39.75 -10.67 -14.15
N HIS A 140 38.53 -11.03 -14.53
CA HIS A 140 38.28 -11.73 -15.79
C HIS A 140 39.10 -13.01 -15.90
N ILE A 141 39.24 -13.70 -14.78
CA ILE A 141 39.98 -14.96 -14.76
C ILE A 141 39.10 -16.06 -15.32
N THR A 142 39.60 -16.74 -16.36
CA THR A 142 38.87 -17.84 -16.98
C THR A 142 39.54 -19.19 -16.80
N SER A 143 40.83 -19.20 -16.46
CA SER A 143 41.54 -20.46 -16.27
C SER A 143 42.41 -20.35 -15.02
N VAL A 144 42.66 -21.49 -14.43
CA VAL A 144 43.49 -21.56 -13.23
C VAL A 144 44.51 -22.69 -13.39
N PRO A 145 45.78 -22.44 -13.22
CA PRO A 145 46.78 -23.51 -13.30
C PRO A 145 46.56 -24.56 -12.22
N GLU A 146 46.89 -25.81 -12.56
CA GLU A 146 46.70 -26.91 -11.62
C GLU A 146 47.62 -26.79 -10.41
N ASP A 147 48.82 -26.24 -10.60
CA ASP A 147 49.79 -26.10 -9.53
C ASP A 147 49.65 -24.78 -8.78
N SER A 148 48.48 -24.18 -8.80
CA SER A 148 48.27 -22.91 -8.11
C SER A 148 48.08 -23.15 -6.61
N PHE A 149 48.15 -22.04 -5.86
CA PHE A 149 47.92 -22.04 -4.41
C PHE A 149 48.87 -23.00 -3.68
N GLU A 150 50.16 -22.95 -4.07
CA GLU A 150 51.19 -23.77 -3.44
C GLU A 150 52.07 -22.91 -2.55
N GLY A 151 52.36 -23.41 -1.35
CA GLY A 151 53.19 -22.70 -0.41
C GLY A 151 52.45 -21.77 0.53
N LEU A 152 51.15 -21.55 0.34
CA LEU A 152 50.35 -20.68 1.19
C LEU A 152 49.90 -21.48 2.41
N VAL A 153 50.76 -21.53 3.45
CA VAL A 153 50.48 -22.30 4.66
C VAL A 153 49.87 -21.47 5.76
N GLN A 154 49.69 -20.17 5.54
CA GLN A 154 49.13 -19.28 6.56
C GLN A 154 47.94 -18.48 6.05
N LEU A 155 47.40 -18.82 4.88
CA LEU A 155 46.26 -18.08 4.35
C LEU A 155 45.02 -18.33 5.18
N ARG A 156 44.22 -17.30 5.36
CA ARG A 156 42.98 -17.41 6.12
C ARG A 156 41.75 -16.90 5.38
N HIS A 157 41.90 -16.08 4.36
CA HIS A 157 40.77 -15.58 3.59
C HIS A 157 41.11 -15.64 2.11
N LEU A 158 40.08 -15.76 1.27
CA LEU A 158 40.28 -15.85 -0.18
C LEU A 158 39.02 -15.37 -0.88
N TRP A 159 39.17 -14.31 -1.68
CA TRP A 159 38.09 -13.78 -2.51
C TRP A 159 38.31 -14.20 -3.95
N LEU A 160 37.32 -14.84 -4.56
CA LEU A 160 37.39 -15.23 -5.96
C LEU A 160 36.05 -15.01 -6.66
N ASP A 161 35.26 -14.02 -6.19
CA ASP A 161 33.96 -13.77 -6.79
C ASP A 161 34.08 -12.90 -8.03
N ASP A 162 33.00 -12.89 -8.81
CA ASP A 162 32.88 -12.07 -10.02
C ASP A 162 33.99 -12.39 -11.02
N ASN A 163 33.97 -13.64 -11.52
CA ASN A 163 34.90 -14.09 -12.54
C ASN A 163 34.12 -14.90 -13.57
N SER A 164 34.84 -15.55 -14.48
CA SER A 164 34.25 -16.35 -15.55
C SER A 164 34.64 -17.82 -15.39
N LEU A 165 34.66 -18.30 -14.15
CA LEU A 165 34.98 -19.69 -13.90
C LEU A 165 33.84 -20.60 -14.36
N THR A 166 34.19 -21.82 -14.76
CA THR A 166 33.22 -22.80 -15.21
C THR A 166 33.10 -24.01 -14.30
N GLU A 167 34.09 -24.25 -13.43
CA GLU A 167 34.05 -25.38 -12.52
C GLU A 167 34.81 -25.01 -11.25
N VAL A 168 34.51 -25.73 -10.21
CA VAL A 168 35.17 -25.49 -8.92
C VAL A 168 36.58 -26.07 -8.98
N PRO A 169 37.61 -25.29 -8.70
CA PRO A 169 38.98 -25.82 -8.72
C PRO A 169 39.26 -26.70 -7.50
N VAL A 170 38.85 -27.97 -7.61
CA VAL A 170 38.99 -28.88 -6.48
C VAL A 170 40.47 -29.11 -6.16
N HIS A 171 41.27 -29.42 -7.19
CA HIS A 171 42.67 -29.74 -6.97
C HIS A 171 43.47 -28.58 -6.38
N PRO A 172 43.43 -27.36 -6.94
CA PRO A 172 44.23 -26.28 -6.33
C PRO A 172 43.88 -25.98 -4.88
N LEU A 173 42.62 -26.11 -4.51
CA LEU A 173 42.20 -25.77 -3.17
C LEU A 173 42.61 -26.81 -2.12
N SER A 174 43.14 -27.95 -2.55
CA SER A 174 43.52 -29.00 -1.61
C SER A 174 44.78 -28.65 -0.82
N ASN A 175 45.50 -27.59 -1.18
CA ASN A 175 46.73 -27.19 -0.50
C ASN A 175 46.53 -26.03 0.46
N LEU A 176 45.30 -25.81 0.97
CA LEU A 176 44.99 -24.73 1.90
C LEU A 176 44.28 -25.31 3.11
N PRO A 177 45.02 -25.94 4.04
CA PRO A 177 44.38 -26.52 5.23
C PRO A 177 43.97 -25.49 6.27
N THR A 178 44.47 -24.26 6.19
CA THR A 178 44.20 -23.23 7.19
C THR A 178 43.14 -22.24 6.74
N LEU A 179 42.46 -22.51 5.64
CA LEU A 179 41.43 -21.59 5.15
C LEU A 179 40.23 -21.57 6.09
N GLN A 180 39.62 -20.40 6.21
CA GLN A 180 38.45 -20.25 7.07
C GLN A 180 37.29 -19.63 6.33
N ALA A 181 37.57 -18.78 5.35
CA ALA A 181 36.54 -18.11 4.58
C ALA A 181 36.84 -18.23 3.10
N LEU A 182 35.78 -18.46 2.33
CA LEU A 182 35.92 -18.58 0.88
C LEU A 182 34.60 -18.18 0.23
N THR A 183 34.70 -17.38 -0.83
CA THR A 183 33.53 -16.93 -1.57
C THR A 183 33.76 -17.14 -3.06
N LEU A 184 32.72 -17.64 -3.73
CA LEU A 184 32.76 -17.90 -5.17
C LEU A 184 31.46 -17.41 -5.82
N ALA A 185 31.04 -16.20 -5.44
CA ALA A 185 29.78 -15.66 -5.92
C ALA A 185 29.94 -15.01 -7.30
N LEU A 186 28.82 -14.93 -8.02
CA LEU A 186 28.75 -14.27 -9.32
C LEU A 186 29.76 -14.88 -10.32
N ASN A 187 29.54 -16.18 -10.60
CA ASN A 187 30.36 -16.88 -11.58
C ASN A 187 29.48 -17.67 -12.54
N LYS A 188 30.10 -18.50 -13.40
CA LYS A 188 29.38 -19.33 -14.35
C LYS A 188 29.40 -20.80 -13.94
N ILE A 189 29.43 -21.06 -12.64
CA ILE A 189 29.45 -22.44 -12.15
C ILE A 189 28.08 -23.06 -12.33
N SER A 190 28.05 -24.31 -12.80
CA SER A 190 26.81 -25.03 -13.02
C SER A 190 26.66 -26.29 -12.18
N SER A 191 27.73 -26.88 -11.70
CA SER A 191 27.66 -28.08 -10.88
C SER A 191 28.87 -28.14 -9.97
N ILE A 192 28.72 -28.93 -8.90
CA ILE A 192 29.77 -29.10 -7.91
C ILE A 192 30.10 -30.58 -7.81
N PRO A 193 31.32 -31.01 -8.08
CA PRO A 193 31.69 -32.43 -7.96
C PRO A 193 31.81 -32.87 -6.51
N ASP A 194 31.88 -34.19 -6.33
CA ASP A 194 32.01 -34.76 -5.00
C ASP A 194 33.36 -34.42 -4.39
N PHE A 195 33.38 -34.21 -3.12
CA PHE A 195 34.60 -33.95 -2.35
C PHE A 195 35.36 -32.74 -2.91
N ALA A 196 34.64 -31.68 -3.26
CA ALA A 196 35.27 -30.47 -3.78
C ALA A 196 36.00 -29.69 -2.71
N PHE A 197 35.71 -29.93 -1.44
CA PHE A 197 36.33 -29.22 -0.32
C PHE A 197 36.76 -30.23 0.75
N THR A 198 37.43 -31.28 0.33
CA THR A 198 37.77 -32.36 1.25
C THR A 198 38.83 -31.95 2.26
N ASN A 199 39.78 -31.09 1.89
CA ASN A 199 40.88 -30.69 2.76
C ASN A 199 40.62 -29.37 3.47
N LEU A 200 39.46 -28.76 3.31
CA LEU A 200 39.11 -27.53 4.01
C LEU A 200 38.50 -27.89 5.36
N SER A 201 39.37 -28.27 6.30
CA SER A 201 38.93 -28.72 7.62
C SER A 201 38.57 -27.60 8.56
N SER A 202 38.90 -26.34 8.24
CA SER A 202 38.65 -25.20 9.11
C SER A 202 37.69 -24.20 8.49
N LEU A 203 36.98 -24.58 7.43
CA LEU A 203 36.07 -23.66 6.77
C LEU A 203 34.89 -23.34 7.68
N VAL A 204 34.48 -22.06 7.70
CA VAL A 204 33.40 -21.57 8.54
C VAL A 204 32.26 -20.99 7.70
N VAL A 205 32.58 -20.15 6.77
CA VAL A 205 31.60 -19.48 5.93
C VAL A 205 31.93 -19.74 4.47
N LEU A 206 30.92 -20.11 3.70
CA LEU A 206 31.08 -20.33 2.27
C LEU A 206 29.92 -19.70 1.52
N HIS A 207 30.24 -18.89 0.52
CA HIS A 207 29.23 -18.22 -0.30
C HIS A 207 29.30 -18.75 -1.72
N LEU A 208 28.14 -19.15 -2.26
CA LEU A 208 28.05 -19.69 -3.62
C LEU A 208 26.82 -19.17 -4.34
N HIS A 209 26.37 -17.95 -4.01
CA HIS A 209 25.16 -17.42 -4.60
C HIS A 209 25.43 -16.82 -5.97
N ASN A 210 24.34 -16.62 -6.73
CA ASN A 210 24.39 -16.02 -8.07
C ASN A 210 25.28 -16.83 -9.01
N ASN A 211 24.89 -18.07 -9.24
CA ASN A 211 25.57 -18.96 -10.19
C ASN A 211 24.51 -19.66 -11.02
N LYS A 212 24.96 -20.63 -11.81
CA LYS A 212 24.05 -21.44 -12.62
C LYS A 212 23.93 -22.85 -12.06
N ILE A 213 23.96 -22.97 -10.74
CA ILE A 213 23.90 -24.27 -10.09
C ILE A 213 22.52 -24.87 -10.28
N ARG A 214 22.45 -26.14 -10.68
CA ARG A 214 21.18 -26.84 -10.84
C ARG A 214 21.17 -28.24 -10.26
N SER A 215 22.29 -28.84 -9.94
CA SER A 215 22.33 -30.20 -9.41
C SER A 215 23.58 -30.36 -8.56
N LEU A 216 23.36 -30.77 -7.32
CA LEU A 216 24.45 -30.98 -6.38
C LEU A 216 24.51 -32.44 -5.99
N SER A 217 25.69 -33.00 -5.88
CA SER A 217 25.86 -34.38 -5.48
C SER A 217 25.61 -34.55 -3.99
N GLN A 218 25.42 -35.81 -3.57
CA GLN A 218 25.08 -36.09 -2.17
C GLN A 218 26.26 -35.92 -1.23
N HIS A 219 27.46 -35.86 -1.76
CA HIS A 219 28.66 -35.75 -0.95
C HIS A 219 29.49 -34.53 -1.36
N CYS A 220 28.82 -33.44 -1.72
CA CYS A 220 29.50 -32.23 -2.14
C CYS A 220 30.02 -31.40 -0.98
N PHE A 221 29.56 -31.66 0.24
CA PHE A 221 29.93 -30.88 1.40
C PHE A 221 30.60 -31.73 2.47
N ASP A 222 31.13 -32.90 2.11
CA ASP A 222 31.79 -33.76 3.08
C ASP A 222 33.10 -33.14 3.54
N GLY A 223 33.38 -33.25 4.85
CA GLY A 223 34.58 -32.72 5.45
C GLY A 223 34.42 -31.38 6.13
N LEU A 224 33.35 -30.64 5.84
CA LEU A 224 33.10 -29.33 6.43
C LEU A 224 32.45 -29.53 7.80
N ASP A 225 33.30 -29.86 8.80
CA ASP A 225 32.82 -30.11 10.15
C ASP A 225 32.62 -28.86 10.97
N ASN A 226 33.09 -27.69 10.48
CA ASN A 226 32.95 -26.44 11.22
C ASN A 226 32.17 -25.39 10.44
N LEU A 227 31.42 -25.82 9.41
CA LEU A 227 30.67 -24.87 8.61
C LEU A 227 29.55 -24.25 9.43
N GLU A 228 29.43 -22.93 9.36
CA GLU A 228 28.41 -22.19 10.11
C GLU A 228 27.47 -21.38 9.24
N THR A 229 27.85 -21.01 8.06
CA THR A 229 27.01 -20.21 7.16
C THR A 229 27.18 -20.71 5.74
N LEU A 230 26.06 -21.00 5.10
CA LEU A 230 26.05 -21.42 3.70
C LEU A 230 25.01 -20.62 2.95
N ASP A 231 25.38 -20.15 1.76
CA ASP A 231 24.52 -19.31 0.95
C ASP A 231 24.36 -19.93 -0.44
N LEU A 232 23.12 -20.11 -0.87
CA LEU A 232 22.83 -20.66 -2.19
C LEU A 232 21.69 -19.92 -2.86
N ASN A 233 21.57 -18.61 -2.59
CA ASN A 233 20.49 -17.83 -3.15
C ASN A 233 20.74 -17.51 -4.63
N TYR A 234 19.65 -17.23 -5.34
CA TYR A 234 19.67 -16.80 -6.74
C TYR A 234 20.40 -17.81 -7.62
N ASN A 235 19.83 -19.02 -7.67
CA ASN A 235 20.37 -20.09 -8.50
C ASN A 235 19.20 -20.73 -9.27
N ASN A 236 19.46 -21.87 -9.87
CA ASN A 236 18.46 -22.60 -10.63
C ASN A 236 18.14 -23.96 -10.01
N LEU A 237 18.19 -24.02 -8.67
CA LEU A 237 17.89 -25.27 -8.00
C LEU A 237 16.42 -25.63 -8.14
N GLY A 238 16.14 -26.89 -8.37
CA GLY A 238 14.77 -27.36 -8.50
C GLY A 238 14.44 -28.46 -7.53
N GLU A 239 15.44 -28.94 -6.81
CA GLU A 239 15.26 -30.01 -5.85
C GLU A 239 15.98 -29.65 -4.56
N PHE A 240 15.37 -29.97 -3.46
CA PHE A 240 15.99 -29.68 -2.17
C PHE A 240 17.22 -30.54 -1.98
N PRO A 241 18.36 -29.95 -1.68
CA PRO A 241 19.58 -30.76 -1.53
C PRO A 241 19.52 -31.63 -0.29
N GLN A 242 19.88 -32.97 -0.53
CA GLN A 242 19.95 -33.90 0.57
C GLN A 242 21.35 -34.03 1.15
N ALA A 243 22.30 -33.31 0.57
CA ALA A 243 23.68 -33.37 1.02
C ALA A 243 23.95 -32.53 2.25
N ILE A 244 22.94 -31.80 2.74
CA ILE A 244 23.12 -30.96 3.92
C ILE A 244 23.11 -31.74 5.22
N LYS A 245 22.95 -33.06 5.16
CA LYS A 245 22.93 -33.87 6.36
C LYS A 245 24.32 -34.02 6.99
N ALA A 246 25.39 -33.62 6.30
CA ALA A 246 26.75 -33.71 6.81
C ALA A 246 27.26 -32.37 7.32
N LEU A 247 26.37 -31.53 7.87
CA LEU A 247 26.73 -30.21 8.39
C LEU A 247 26.22 -30.10 9.82
N PRO A 248 26.93 -30.76 10.76
CA PRO A 248 26.45 -30.74 12.15
C PRO A 248 26.54 -29.38 12.82
N SER A 249 27.32 -28.46 12.28
CA SER A 249 27.56 -27.18 12.93
C SER A 249 26.91 -26.01 12.18
N LEU A 250 25.98 -26.28 11.31
CA LEU A 250 25.35 -25.21 10.54
C LEU A 250 24.46 -24.36 11.42
N LYS A 251 24.52 -23.04 11.24
CA LYS A 251 23.72 -22.08 11.98
C LYS A 251 22.73 -21.31 11.11
N GLU A 252 23.14 -20.84 9.97
CA GLU A 252 22.28 -20.09 9.07
C GLU A 252 22.30 -20.75 7.70
N LEU A 253 21.12 -20.95 7.19
CA LEU A 253 20.98 -21.55 5.87
C LEU A 253 19.90 -20.80 5.11
N GLY A 254 20.21 -20.42 3.89
CA GLY A 254 19.26 -19.69 3.06
C GLY A 254 19.29 -20.13 1.61
N PHE A 255 18.15 -20.47 1.07
CA PHE A 255 18.05 -20.94 -0.31
C PHE A 255 16.85 -20.30 -1.01
N HIS A 256 16.65 -19.01 -0.82
CA HIS A 256 15.54 -18.32 -1.46
C HIS A 256 15.87 -17.98 -2.91
N SER A 257 14.84 -17.58 -3.65
CA SER A 257 14.96 -17.23 -5.07
C SER A 257 15.48 -18.42 -5.88
N ASN A 258 14.72 -19.49 -5.86
CA ASN A 258 15.03 -20.71 -6.60
C ASN A 258 13.74 -21.30 -7.13
N SER A 259 13.78 -22.53 -7.55
CA SER A 259 12.61 -23.23 -8.06
C SER A 259 12.32 -24.48 -7.23
N ILE A 260 12.40 -24.35 -5.91
CA ILE A 260 12.20 -25.47 -5.00
C ILE A 260 10.74 -25.47 -4.53
N SER A 261 10.08 -26.62 -4.60
CA SER A 261 8.68 -26.75 -4.22
C SER A 261 8.40 -27.84 -3.21
N VAL A 262 9.29 -28.77 -2.98
CA VAL A 262 9.08 -29.89 -2.07
C VAL A 262 10.11 -29.84 -0.95
N ILE A 263 9.61 -29.88 0.28
CA ILE A 263 10.49 -29.95 1.46
C ILE A 263 10.03 -31.15 2.28
N PRO A 264 10.54 -32.36 1.96
CA PRO A 264 10.03 -33.56 2.65
C PRO A 264 10.49 -33.65 4.10
N ASP A 265 9.99 -34.69 4.79
CA ASP A 265 10.36 -34.89 6.18
C ASP A 265 11.84 -35.28 6.28
N GLY A 266 12.42 -34.89 7.40
CA GLY A 266 13.83 -35.16 7.62
C GLY A 266 14.77 -34.20 6.94
N ALA A 267 14.29 -33.13 6.35
CA ALA A 267 15.15 -32.17 5.66
C ALA A 267 16.02 -31.38 6.62
N PHE A 268 15.70 -31.38 7.91
CA PHE A 268 16.46 -30.62 8.89
C PHE A 268 16.69 -31.44 10.15
N ASP A 269 16.97 -32.73 10.00
CA ASP A 269 17.25 -33.60 11.13
C ASP A 269 18.72 -33.60 11.52
N GLY A 270 19.63 -33.36 10.57
CA GLY A 270 21.05 -33.32 10.83
C GLY A 270 21.60 -31.97 11.23
N ASN A 271 20.75 -30.98 11.41
CA ASN A 271 21.18 -29.63 11.77
C ASN A 271 20.39 -29.18 12.98
N PRO A 272 20.73 -29.69 14.16
CA PRO A 272 19.95 -29.36 15.37
C PRO A 272 20.16 -27.93 15.86
N LEU A 273 21.18 -27.22 15.38
CA LEU A 273 21.51 -25.89 15.90
C LEU A 273 21.18 -24.78 14.93
N LEU A 274 20.20 -24.99 14.07
CA LEU A 274 19.81 -23.96 13.12
C LEU A 274 19.15 -22.79 13.85
N ARG A 275 19.38 -21.59 13.32
CA ARG A 275 18.82 -20.36 13.88
C ARG A 275 17.93 -19.61 12.91
N THR A 276 18.32 -19.51 11.65
CA THR A 276 17.54 -18.78 10.66
C THR A 276 17.48 -19.57 9.36
N ILE A 277 16.32 -19.67 8.81
CA ILE A 277 16.10 -20.33 7.53
C ILE A 277 15.30 -19.39 6.64
N HIS A 278 15.84 -19.14 5.42
CA HIS A 278 15.17 -18.30 4.44
C HIS A 278 14.66 -19.18 3.30
N LEU A 279 13.35 -19.14 3.05
CA LEU A 279 12.75 -19.93 1.99
C LEU A 279 11.65 -19.16 1.27
N TYR A 280 11.74 -17.84 1.23
CA TYR A 280 10.74 -17.01 0.56
C TYR A 280 11.05 -16.90 -0.93
N ASP A 281 10.08 -16.39 -1.68
CA ASP A 281 10.19 -16.17 -3.12
C ASP A 281 10.54 -17.47 -3.85
N ASN A 282 9.75 -18.51 -3.59
CA ASN A 282 9.89 -19.80 -4.24
C ASN A 282 8.51 -20.36 -4.53
N PRO A 283 8.38 -21.21 -5.54
CA PRO A 283 7.07 -21.84 -5.82
C PRO A 283 6.78 -23.01 -4.88
N LEU A 284 6.81 -22.72 -3.59
CA LEU A 284 6.58 -23.75 -2.59
C LEU A 284 5.10 -24.11 -2.54
N SER A 285 4.78 -25.41 -2.59
CA SER A 285 3.39 -25.87 -2.56
C SER A 285 3.17 -26.95 -1.51
N PHE A 286 4.17 -27.77 -1.24
CA PHE A 286 4.04 -28.88 -0.32
C PHE A 286 5.17 -28.83 0.71
N VAL A 287 4.77 -28.96 1.98
CA VAL A 287 5.72 -28.98 3.08
C VAL A 287 5.40 -30.18 3.95
N GLY A 288 6.41 -30.91 4.39
CA GLY A 288 6.20 -32.08 5.20
C GLY A 288 5.54 -31.74 6.53
N ASN A 289 4.77 -32.71 7.04
CA ASN A 289 4.04 -32.50 8.29
C ASN A 289 4.98 -32.30 9.47
N SER A 290 6.06 -33.07 9.53
CA SER A 290 7.02 -33.00 10.63
C SER A 290 8.38 -32.51 10.14
N ALA A 291 8.38 -31.53 9.27
CA ALA A 291 9.61 -30.98 8.71
C ALA A 291 10.25 -29.90 9.58
N PHE A 292 9.63 -29.53 10.68
CA PHE A 292 10.12 -28.49 11.57
C PHE A 292 10.04 -28.95 13.03
N HIS A 293 10.52 -30.15 13.28
CA HIS A 293 10.54 -30.72 14.63
C HIS A 293 11.96 -30.74 15.16
N ASN A 294 12.06 -30.72 16.47
CA ASN A 294 13.30 -30.81 17.24
C ASN A 294 14.21 -29.60 17.05
N LEU A 295 13.79 -28.60 16.31
CA LEU A 295 14.57 -27.37 16.18
C LEU A 295 14.32 -26.49 17.40
N SER A 296 15.38 -26.19 18.15
CA SER A 296 15.26 -25.47 19.41
C SER A 296 15.56 -23.98 19.28
N ASP A 297 16.63 -23.62 18.56
CA ASP A 297 17.06 -22.23 18.48
C ASP A 297 16.35 -21.43 17.38
N LEU A 298 15.52 -22.07 16.58
CA LEU A 298 14.81 -21.37 15.52
C LEU A 298 13.80 -20.39 16.12
N HIS A 299 13.76 -19.18 15.55
CA HIS A 299 12.86 -18.14 16.06
C HIS A 299 12.16 -17.38 14.94
N SER A 300 11.95 -18.04 13.80
CA SER A 300 11.24 -17.42 12.68
C SER A 300 10.75 -18.51 11.75
N LEU A 301 9.54 -18.38 11.27
CA LEU A 301 8.94 -19.37 10.38
C LEU A 301 7.88 -18.67 9.54
N VAL A 302 8.19 -18.38 8.28
CA VAL A 302 7.29 -17.73 7.35
C VAL A 302 7.13 -18.64 6.14
N ILE A 303 5.93 -19.14 5.93
CA ILE A 303 5.61 -20.00 4.78
C ILE A 303 4.41 -19.42 4.08
N ARG A 304 4.55 -19.22 2.75
CA ARG A 304 3.49 -18.65 1.95
C ARG A 304 3.27 -19.50 0.70
N GLY A 305 2.03 -19.49 0.20
CA GLY A 305 1.70 -20.21 -1.01
C GLY A 305 1.56 -21.70 -0.88
N ALA A 306 1.52 -22.23 0.36
CA ALA A 306 1.41 -23.67 0.57
C ALA A 306 -0.04 -24.09 0.33
N SER A 307 -0.38 -24.25 -0.95
CA SER A 307 -1.74 -24.56 -1.35
C SER A 307 -2.10 -26.03 -1.18
N MET A 308 -1.12 -26.88 -0.93
CA MET A 308 -1.34 -28.33 -0.80
C MET A 308 -0.96 -28.83 0.59
N VAL A 309 -1.30 -28.05 1.61
CA VAL A 309 -1.05 -28.42 2.99
C VAL A 309 -2.38 -28.48 3.73
N GLN A 310 -2.62 -29.62 4.40
CA GLN A 310 -3.89 -29.84 5.08
C GLN A 310 -3.78 -29.91 6.59
N GLN A 311 -2.61 -30.30 7.13
CA GLN A 311 -2.42 -30.45 8.57
C GLN A 311 -1.48 -29.39 9.10
N PHE A 312 -1.75 -28.91 10.33
CA PHE A 312 -0.89 -27.93 10.97
C PHE A 312 0.47 -28.55 11.23
N PRO A 313 1.57 -27.81 11.02
CA PRO A 313 2.91 -28.38 11.20
C PRO A 313 3.16 -28.79 12.65
N ASN A 314 3.94 -29.86 12.81
CA ASN A 314 4.27 -30.40 14.12
C ASN A 314 5.43 -29.59 14.69
N LEU A 315 5.10 -28.57 15.47
CA LEU A 315 6.09 -27.69 16.07
C LEU A 315 6.50 -28.14 17.46
N THR A 316 6.10 -29.34 17.88
CA THR A 316 6.52 -29.86 19.18
C THR A 316 8.03 -29.99 19.23
N GLY A 317 8.63 -29.54 20.33
CA GLY A 317 10.06 -29.49 20.48
C GLY A 317 10.67 -28.12 20.26
N THR A 318 9.91 -27.20 19.63
CA THR A 318 10.35 -25.83 19.44
C THR A 318 9.66 -24.96 20.49
N VAL A 319 10.46 -24.34 21.36
CA VAL A 319 9.92 -23.57 22.47
C VAL A 319 10.36 -22.11 22.46
N HIS A 320 11.26 -21.72 21.55
CA HIS A 320 11.76 -20.35 21.50
C HIS A 320 11.31 -19.62 20.24
N LEU A 321 10.31 -20.14 19.54
CA LEU A 321 9.81 -19.48 18.34
C LEU A 321 9.13 -18.17 18.70
N GLU A 322 9.35 -17.16 17.88
CA GLU A 322 8.81 -15.82 18.11
C GLU A 322 7.69 -15.43 17.16
N SER A 323 7.77 -15.84 15.90
CA SER A 323 6.75 -15.50 14.91
C SER A 323 6.31 -16.76 14.18
N LEU A 324 5.03 -16.74 13.72
CA LEU A 324 4.46 -17.88 13.03
C LEU A 324 3.45 -17.35 12.01
N THR A 325 3.74 -17.48 10.71
CA THR A 325 2.88 -17.03 9.63
C THR A 325 2.61 -18.21 8.70
N LEU A 326 1.31 -18.48 8.46
CA LEU A 326 0.89 -19.57 7.58
C LEU A 326 -0.31 -19.07 6.77
N THR A 327 -0.07 -18.71 5.52
CA THR A 327 -1.10 -18.13 4.67
C THR A 327 -1.32 -19.00 3.44
N GLY A 328 -2.50 -18.89 2.88
CA GLY A 328 -2.83 -19.63 1.66
C GLY A 328 -2.81 -21.14 1.82
N THR A 329 -3.30 -21.65 2.93
CA THR A 329 -3.31 -23.07 3.23
C THR A 329 -4.76 -23.54 3.43
N LYS A 330 -4.92 -24.81 3.73
CA LYS A 330 -6.22 -25.44 3.96
C LYS A 330 -6.30 -26.04 5.36
N ILE A 331 -5.82 -25.28 6.35
CA ILE A 331 -5.81 -25.78 7.72
C ILE A 331 -7.24 -25.84 8.25
N SER A 332 -7.61 -26.99 8.78
CA SER A 332 -8.98 -27.20 9.25
C SER A 332 -9.17 -26.77 10.70
N SER A 333 -8.19 -26.98 11.56
CA SER A 333 -8.31 -26.65 12.97
C SER A 333 -6.95 -26.30 13.54
N ILE A 334 -6.97 -25.61 14.66
CA ILE A 334 -5.76 -25.16 15.36
C ILE A 334 -5.63 -25.99 16.63
N PRO A 335 -4.45 -26.54 16.90
CA PRO A 335 -4.29 -27.31 18.14
C PRO A 335 -4.49 -26.43 19.37
N ASN A 336 -5.01 -27.06 20.44
CA ASN A 336 -5.31 -26.34 21.66
C ASN A 336 -4.09 -26.09 22.53
N ASN A 337 -2.98 -26.80 22.31
CA ASN A 337 -1.77 -26.67 23.11
C ASN A 337 -0.79 -25.67 22.53
N LEU A 338 -1.25 -24.73 21.71
CA LEU A 338 -0.36 -23.75 21.11
C LEU A 338 0.24 -22.82 22.17
N CYS A 339 -0.60 -22.34 23.11
CA CYS A 339 -0.15 -21.38 24.11
C CYS A 339 0.34 -22.04 25.39
N GLN A 340 0.23 -23.36 25.52
CA GLN A 340 0.66 -24.06 26.73
C GLN A 340 2.05 -24.68 26.60
N GLU A 341 2.39 -25.20 25.42
CA GLU A 341 3.71 -25.80 25.23
C GLU A 341 4.82 -24.75 25.38
N GLN A 342 4.61 -23.58 24.81
CA GLN A 342 5.60 -22.51 24.87
C GLN A 342 4.90 -21.17 24.72
N LYS A 343 5.37 -20.17 25.46
CA LYS A 343 4.78 -18.83 25.44
C LYS A 343 5.89 -17.81 25.19
N MET A 344 6.23 -17.63 23.91
CA MET A 344 7.13 -16.57 23.50
C MET A 344 6.69 -15.87 22.23
N LEU A 345 5.58 -16.29 21.62
CA LEU A 345 5.14 -15.69 20.37
C LEU A 345 4.71 -14.25 20.59
N ARG A 346 5.05 -13.39 19.64
CA ARG A 346 4.59 -12.01 19.62
C ARG A 346 3.55 -11.74 18.54
N THR A 347 3.62 -12.40 17.40
CA THR A 347 2.67 -12.24 16.31
C THR A 347 2.13 -13.60 15.91
N LEU A 348 0.90 -13.59 15.41
CA LEU A 348 0.26 -14.85 14.97
C LEU A 348 -0.70 -14.48 13.85
N ASP A 349 -0.27 -14.70 12.60
CA ASP A 349 -1.07 -14.38 11.43
C ASP A 349 -1.50 -15.67 10.76
N LEU A 350 -2.80 -15.84 10.56
CA LEU A 350 -3.38 -17.03 9.95
C LEU A 350 -4.38 -16.64 8.89
N SER A 351 -4.02 -15.69 8.05
CA SER A 351 -4.90 -15.22 6.99
C SER A 351 -4.98 -16.25 5.86
N TYR A 352 -6.08 -16.19 5.12
CA TYR A 352 -6.32 -17.05 3.97
C TYR A 352 -6.25 -18.53 4.34
N ASN A 353 -7.16 -18.95 5.20
CA ASN A 353 -7.23 -20.33 5.66
C ASN A 353 -8.70 -20.73 5.73
N ASN A 354 -8.97 -21.88 6.31
CA ASN A 354 -10.32 -22.42 6.48
C ASN A 354 -10.51 -22.92 7.91
N ILE A 355 -10.10 -22.12 8.87
CA ILE A 355 -10.27 -22.48 10.27
C ILE A 355 -11.74 -22.36 10.65
N ARG A 356 -12.29 -23.40 11.29
CA ARG A 356 -13.70 -23.45 11.65
C ARG A 356 -13.97 -22.77 13.00
N ASP A 357 -13.28 -23.19 14.07
CA ASP A 357 -13.49 -22.67 15.40
C ASP A 357 -12.18 -22.17 15.99
N LEU A 358 -12.27 -21.27 16.95
CA LEU A 358 -11.11 -20.68 17.59
C LEU A 358 -10.86 -21.37 18.92
N PRO A 359 -9.73 -22.05 19.08
CA PRO A 359 -9.42 -22.63 20.39
C PRO A 359 -9.15 -21.55 21.43
N SER A 360 -9.29 -21.93 22.70
CA SER A 360 -9.03 -21.01 23.79
C SER A 360 -7.58 -20.54 23.75
N PHE A 361 -7.39 -19.23 23.89
CA PHE A 361 -6.07 -18.61 23.78
C PHE A 361 -5.44 -18.35 25.14
N ASN A 362 -5.83 -19.10 26.17
CA ASN A 362 -5.24 -18.93 27.49
C ASN A 362 -3.84 -19.52 27.51
N GLY A 363 -2.87 -18.71 27.94
CA GLY A 363 -1.49 -19.16 28.01
C GLY A 363 -0.52 -18.26 27.29
N CYS A 364 -0.95 -17.68 26.17
CA CYS A 364 -0.11 -16.78 25.39
C CYS A 364 -0.07 -15.42 26.09
N HIS A 365 0.80 -15.32 27.10
CA HIS A 365 0.89 -14.09 27.88
C HIS A 365 1.60 -12.96 27.14
N ALA A 366 2.57 -13.30 26.30
CA ALA A 366 3.35 -12.30 25.58
C ALA A 366 2.81 -11.99 24.19
N LEU A 367 1.69 -12.63 23.79
CA LEU A 367 1.15 -12.40 22.46
C LEU A 367 0.60 -10.98 22.35
N GLU A 368 0.88 -10.33 21.21
CA GLU A 368 0.49 -8.94 21.00
C GLU A 368 -0.44 -8.75 19.83
N GLU A 369 -0.17 -9.33 18.69
CA GLU A 369 -0.95 -9.13 17.47
C GLU A 369 -1.54 -10.45 17.00
N ILE A 370 -2.83 -10.41 16.67
CA ILE A 370 -3.54 -11.56 16.13
C ILE A 370 -4.24 -11.15 14.86
N SER A 371 -4.03 -11.89 13.77
CA SER A 371 -4.67 -11.62 12.49
C SER A 371 -5.41 -12.87 12.05
N LEU A 372 -6.71 -12.73 11.75
CA LEU A 372 -7.56 -13.84 11.32
C LEU A 372 -8.43 -13.39 10.15
N GLN A 373 -7.83 -12.75 9.17
CA GLN A 373 -8.57 -12.24 8.02
C GLN A 373 -8.93 -13.37 7.07
N ARG A 374 -10.12 -13.27 6.48
CA ARG A 374 -10.59 -14.19 5.44
C ARG A 374 -10.60 -15.63 5.93
N ASN A 375 -11.45 -15.89 6.94
CA ASN A 375 -11.64 -17.24 7.45
C ASN A 375 -13.13 -17.58 7.50
N GLN A 376 -13.47 -18.70 8.12
CA GLN A 376 -14.85 -19.18 8.22
C GLN A 376 -15.20 -19.53 9.66
N ILE A 377 -14.88 -18.61 10.57
CA ILE A 377 -15.21 -18.80 11.98
C ILE A 377 -16.68 -18.47 12.18
N TYR A 378 -17.35 -19.26 13.01
CA TYR A 378 -18.80 -19.10 13.19
C TYR A 378 -19.12 -17.96 14.16
N GLN A 379 -18.65 -18.05 15.39
CA GLN A 379 -18.97 -17.06 16.40
C GLN A 379 -17.82 -17.00 17.41
N ILE A 380 -18.03 -16.19 18.45
CA ILE A 380 -17.06 -16.03 19.53
C ILE A 380 -17.70 -16.54 20.81
N LYS A 381 -17.04 -17.47 21.48
CA LYS A 381 -17.56 -18.06 22.70
C LYS A 381 -17.46 -17.05 23.85
N GLU A 382 -17.90 -17.47 25.04
CA GLU A 382 -17.88 -16.60 26.21
C GLU A 382 -16.45 -16.23 26.59
N GLY A 383 -15.54 -17.19 26.53
CA GLY A 383 -14.18 -16.94 26.97
C GLY A 383 -13.13 -17.25 25.93
N THR A 384 -13.39 -16.96 24.66
CA THR A 384 -12.41 -17.19 23.60
C THR A 384 -11.17 -16.34 23.80
N PHE A 385 -11.34 -15.08 24.15
CA PHE A 385 -10.24 -14.15 24.36
C PHE A 385 -9.96 -13.90 25.84
N GLN A 386 -10.52 -14.71 26.72
CA GLN A 386 -10.32 -14.51 28.15
C GLN A 386 -8.88 -14.81 28.54
N GLY A 387 -8.29 -13.93 29.35
CA GLY A 387 -6.97 -14.13 29.90
C GLY A 387 -5.87 -13.32 29.24
N LEU A 388 -6.09 -12.79 28.04
CA LEU A 388 -5.07 -12.01 27.36
C LEU A 388 -4.78 -10.72 28.11
N ILE A 389 -3.49 -10.37 28.21
CA ILE A 389 -3.08 -9.20 28.97
C ILE A 389 -2.29 -8.20 28.14
N SER A 390 -1.92 -8.52 26.92
CA SER A 390 -1.12 -7.61 26.13
C SER A 390 -1.56 -7.53 24.67
N LEU A 391 -2.76 -7.97 24.36
CA LEU A 391 -3.24 -7.89 22.99
C LEU A 391 -3.45 -6.43 22.60
N ARG A 392 -2.91 -6.04 21.45
CA ARG A 392 -2.97 -4.65 21.01
C ARG A 392 -3.68 -4.49 19.66
N ILE A 393 -3.35 -5.30 18.68
CA ILE A 393 -3.94 -5.21 17.34
C ILE A 393 -4.67 -6.50 17.05
N LEU A 394 -5.93 -6.38 16.64
CA LEU A 394 -6.77 -7.53 16.33
C LEU A 394 -7.56 -7.24 15.07
N ASP A 395 -7.74 -8.29 14.28
CA ASP A 395 -8.45 -8.15 13.01
C ASP A 395 -9.28 -9.40 12.77
N LEU A 396 -10.56 -9.21 12.38
CA LEU A 396 -11.46 -10.31 12.06
C LEU A 396 -12.29 -9.98 10.82
N SER A 397 -11.66 -9.40 9.80
CA SER A 397 -12.38 -8.98 8.60
C SER A 397 -12.72 -10.19 7.73
N ARG A 398 -13.95 -10.18 7.20
CA ARG A 398 -14.42 -11.16 6.23
C ARG A 398 -14.32 -12.58 6.79
N ASN A 399 -15.04 -12.85 7.88
CA ASN A 399 -15.01 -14.14 8.55
C ASN A 399 -16.38 -14.75 8.80
N LEU A 400 -17.47 -14.09 8.43
CA LEU A 400 -18.84 -14.60 8.59
C LEU A 400 -19.13 -14.94 10.05
N ILE A 401 -19.09 -13.92 10.90
CA ILE A 401 -19.39 -14.05 12.33
C ILE A 401 -20.86 -13.75 12.55
N HIS A 402 -21.55 -14.66 13.23
CA HIS A 402 -22.99 -14.53 13.43
C HIS A 402 -23.33 -13.81 14.74
N GLU A 403 -22.83 -14.35 15.86
CA GLU A 403 -23.16 -13.81 17.18
C GLU A 403 -21.89 -13.58 17.98
N ILE A 404 -21.87 -12.54 18.79
CA ILE A 404 -20.76 -12.21 19.67
C ILE A 404 -21.28 -12.16 21.09
N HIS A 405 -20.59 -12.82 22.02
CA HIS A 405 -20.98 -12.85 23.42
C HIS A 405 -20.85 -11.47 24.04
N SER A 406 -21.69 -11.20 25.05
CA SER A 406 -21.70 -9.87 25.66
C SER A 406 -20.39 -9.56 26.35
N ARG A 407 -19.83 -10.53 27.08
CA ARG A 407 -18.60 -10.33 27.82
C ARG A 407 -17.39 -10.96 27.16
N ALA A 408 -17.36 -11.02 25.81
CA ALA A 408 -16.23 -11.59 25.10
C ALA A 408 -14.98 -10.74 25.28
N PHE A 409 -15.11 -9.41 25.25
CA PHE A 409 -13.98 -8.49 25.36
C PHE A 409 -13.83 -7.91 26.76
N ALA A 410 -14.58 -8.41 27.74
CA ALA A 410 -14.52 -7.84 29.09
C ALA A 410 -13.15 -8.05 29.72
N THR A 411 -12.55 -9.23 29.54
CA THR A 411 -11.28 -9.53 30.17
C THR A 411 -10.09 -8.86 29.51
N LEU A 412 -10.23 -8.39 28.27
CA LEU A 412 -9.11 -7.79 27.55
C LEU A 412 -8.70 -6.47 28.19
N GLY A 413 -7.41 -6.13 28.02
CA GLY A 413 -6.86 -4.91 28.57
C GLY A 413 -6.74 -3.81 27.54
N PRO A 414 -5.54 -3.22 27.42
CA PRO A 414 -5.33 -2.11 26.47
C PRO A 414 -5.24 -2.60 25.05
N ILE A 415 -6.28 -2.32 24.27
CA ILE A 415 -6.35 -2.69 22.87
C ILE A 415 -6.63 -1.43 22.06
N THR A 416 -5.84 -1.21 20.99
CA THR A 416 -5.93 0.01 20.20
C THR A 416 -6.64 -0.18 18.86
N ASN A 417 -6.52 -1.35 18.25
CA ASN A 417 -7.10 -1.61 16.94
C ASN A 417 -8.01 -2.83 17.02
N LEU A 418 -9.21 -2.69 16.50
CA LEU A 418 -10.17 -3.79 16.46
C LEU A 418 -10.94 -3.67 15.15
N ASP A 419 -10.66 -4.56 14.20
CA ASP A 419 -11.26 -4.51 12.87
C ASP A 419 -12.18 -5.70 12.70
N VAL A 420 -13.48 -5.46 12.74
CA VAL A 420 -14.50 -6.48 12.53
C VAL A 420 -15.40 -5.95 11.42
N SER A 421 -15.09 -6.28 10.16
CA SER A 421 -15.78 -5.73 9.01
C SER A 421 -16.18 -6.84 8.04
N PHE A 422 -17.19 -6.54 7.25
CA PHE A 422 -17.70 -7.46 6.24
C PHE A 422 -18.14 -8.79 6.87
N ASN A 423 -18.97 -8.71 7.92
CA ASN A 423 -19.50 -9.89 8.58
C ASN A 423 -21.03 -9.82 8.65
N GLU A 424 -21.63 -10.75 9.39
CA GLU A 424 -23.08 -10.83 9.53
C GLU A 424 -23.52 -10.57 10.96
N LEU A 425 -22.93 -9.58 11.60
CA LEU A 425 -23.26 -9.27 12.98
C LEU A 425 -24.66 -8.68 13.10
N THR A 426 -25.30 -8.97 14.24
CA THR A 426 -26.60 -8.40 14.56
C THR A 426 -26.57 -7.51 15.80
N SER A 427 -25.66 -7.74 16.73
CA SER A 427 -25.48 -6.91 17.91
C SER A 427 -23.99 -6.65 18.10
N PHE A 428 -23.67 -5.78 19.10
CA PHE A 428 -22.27 -5.44 19.34
C PHE A 428 -22.03 -5.06 20.79
N PRO A 429 -21.21 -5.83 21.50
CA PRO A 429 -20.89 -5.47 22.89
C PRO A 429 -20.04 -4.21 22.95
N THR A 430 -20.15 -3.52 24.08
CA THR A 430 -19.41 -2.27 24.27
C THR A 430 -18.67 -2.18 25.60
N GLU A 431 -18.84 -3.15 26.49
CA GLU A 431 -18.18 -3.09 27.79
C GLU A 431 -16.69 -3.35 27.66
N GLY A 432 -15.90 -2.60 28.40
CA GLY A 432 -14.46 -2.80 28.43
C GLY A 432 -13.75 -2.49 27.13
N LEU A 433 -14.13 -1.42 26.45
CA LEU A 433 -13.50 -0.97 25.21
C LEU A 433 -13.14 0.50 25.29
N ASN A 434 -12.67 0.95 26.47
CA ASN A 434 -12.36 2.36 26.67
C ASN A 434 -11.10 2.78 25.91
N GLY A 435 -10.15 1.88 25.73
CA GLY A 435 -8.87 2.19 25.11
C GLY A 435 -8.81 2.04 23.61
N LEU A 436 -9.92 1.78 22.95
CA LEU A 436 -9.91 1.60 21.50
C LEU A 436 -9.62 2.92 20.80
N ASN A 437 -8.88 2.88 19.70
CA ASN A 437 -8.58 4.08 18.88
C ASN A 437 -8.96 3.87 17.41
N GLN A 438 -9.45 2.69 17.02
CA GLN A 438 -9.77 2.41 15.60
C GLN A 438 -10.73 1.22 15.51
N LEU A 439 -12.02 1.45 15.36
CA LEU A 439 -13.00 0.37 15.18
C LEU A 439 -13.48 0.41 13.74
N LYS A 440 -13.51 -0.74 13.05
CA LYS A 440 -13.99 -0.79 11.67
C LYS A 440 -15.17 -1.77 11.61
N LEU A 441 -16.40 -1.30 11.34
CA LEU A 441 -17.57 -2.22 11.19
C LEU A 441 -18.31 -1.94 9.87
N VAL A 442 -17.61 -1.57 8.79
CA VAL A 442 -18.22 -1.19 7.49
C VAL A 442 -18.56 -2.41 6.66
N GLY A 443 -19.83 -2.71 6.48
CA GLY A 443 -20.23 -3.90 5.74
C GLY A 443 -21.36 -4.69 6.37
N ASN A 444 -21.71 -4.53 7.57
CA ASN A 444 -22.77 -5.27 8.25
C ASN A 444 -24.09 -4.54 8.00
N PHE A 445 -24.79 -4.92 6.93
CA PHE A 445 -26.04 -4.26 6.58
C PHE A 445 -27.17 -4.57 7.57
N LYS A 446 -27.05 -5.64 8.32
CA LYS A 446 -28.08 -6.01 9.28
C LYS A 446 -27.96 -5.28 10.60
N LEU A 447 -26.90 -4.52 10.81
CA LEU A 447 -26.68 -3.78 12.06
C LEU A 447 -27.44 -2.45 11.97
N LYS A 448 -28.75 -2.54 12.22
CA LYS A 448 -29.64 -1.40 12.13
C LYS A 448 -29.80 -0.63 13.44
N GLU A 449 -29.21 -1.12 14.50
CA GLU A 449 -29.33 -0.45 15.79
C GLU A 449 -28.34 0.70 15.88
N ALA A 450 -28.36 1.39 17.02
CA ALA A 450 -27.50 2.53 17.26
C ALA A 450 -26.52 2.20 18.37
N LEU A 451 -25.24 2.48 18.15
CA LEU A 451 -24.19 2.21 19.12
C LEU A 451 -24.06 3.37 20.10
N ALA A 452 -23.92 3.07 21.39
CA ALA A 452 -23.78 4.09 22.42
C ALA A 452 -22.45 4.82 22.27
N ALA A 453 -22.40 6.11 22.52
CA ALA A 453 -21.22 6.95 22.40
C ALA A 453 -20.59 7.28 23.75
N LYS A 454 -21.02 6.68 24.86
CA LYS A 454 -20.49 6.93 26.19
C LYS A 454 -19.43 5.92 26.62
N ASP A 455 -19.04 5.00 25.76
CA ASP A 455 -18.04 3.99 26.09
C ASP A 455 -16.89 3.95 25.10
N PHE A 456 -16.73 4.99 24.25
CA PHE A 456 -15.68 5.06 23.24
C PHE A 456 -15.02 6.43 23.27
N VAL A 457 -14.63 6.89 24.49
CA VAL A 457 -14.05 8.22 24.65
C VAL A 457 -12.75 8.35 23.86
N ASN A 458 -11.92 7.33 23.88
CA ASN A 458 -10.62 7.37 23.23
C ASN A 458 -10.68 7.02 21.74
N LEU A 459 -11.85 6.72 21.22
CA LEU A 459 -11.97 6.36 19.81
C LEU A 459 -11.60 7.56 18.93
N ARG A 460 -10.85 7.32 17.87
CA ARG A 460 -10.35 8.43 17.04
C ARG A 460 -10.48 8.16 15.54
N SER A 461 -10.82 6.94 15.13
CA SER A 461 -11.05 6.58 13.70
C SER A 461 -12.08 5.49 13.52
N LEU A 462 -13.38 5.82 13.35
CA LEU A 462 -14.42 4.78 13.29
C LEU A 462 -14.97 4.67 11.88
N SER A 463 -15.59 3.54 11.52
CA SER A 463 -16.22 3.36 10.20
C SER A 463 -17.44 2.45 10.37
N VAL A 464 -18.72 2.96 10.06
CA VAL A 464 -19.93 2.15 10.34
C VAL A 464 -20.69 1.90 9.05
N PRO A 465 -21.64 0.93 8.93
CA PRO A 465 -22.29 0.57 7.66
C PRO A 465 -23.32 1.59 7.18
N TYR A 466 -23.96 2.32 8.08
CA TYR A 466 -25.00 3.26 7.71
C TYR A 466 -24.62 4.66 8.16
N ALA A 467 -25.09 5.65 7.39
CA ALA A 467 -24.67 7.03 7.62
C ALA A 467 -25.27 7.61 8.89
N TYR A 468 -26.50 7.23 9.23
CA TYR A 468 -27.20 7.84 10.35
C TYR A 468 -26.58 7.51 11.70
N GLN A 469 -25.70 6.50 11.77
CA GLN A 469 -25.07 6.12 13.03
C GLN A 469 -23.96 7.06 13.46
N CYS A 470 -23.44 7.90 12.55
CA CYS A 470 -22.39 8.84 12.89
C CYS A 470 -22.91 10.09 13.58
N CYS A 471 -24.22 10.28 13.63
CA CYS A 471 -24.76 11.50 14.23
C CYS A 471 -24.45 11.59 15.72
N ALA A 472 -24.43 10.46 16.42
CA ALA A 472 -24.17 10.48 17.85
C ALA A 472 -22.74 10.90 18.20
N PHE A 473 -21.76 10.54 17.36
CA PHE A 473 -20.37 10.89 17.62
C PHE A 473 -20.06 12.33 17.21
N TRP A 474 -20.52 12.75 16.03
CA TRP A 474 -20.32 14.11 15.57
C TRP A 474 -21.10 15.10 16.41
N SER A 516 -12.02 15.58 25.06
CA SER A 516 -11.69 16.64 24.12
C SER A 516 -10.82 16.12 22.98
N GLN A 517 -11.05 14.91 22.55
CA GLN A 517 -10.28 14.32 21.45
C GLN A 517 -10.70 14.90 20.11
N ILE A 518 -9.90 14.67 19.04
CA ILE A 518 -10.20 15.12 17.68
C ILE A 518 -11.46 14.44 17.21
N ILE A 519 -12.07 15.01 16.10
CA ILE A 519 -13.30 14.43 15.59
C ILE A 519 -13.03 13.04 15.04
N ILE A 520 -13.88 12.14 15.37
CA ILE A 520 -13.77 10.77 14.88
C ILE A 520 -14.12 10.75 13.40
N HIS A 521 -13.70 9.73 12.66
CA HIS A 521 -13.99 9.57 11.24
C HIS A 521 -15.32 8.82 11.06
N CYS A 522 -15.91 9.06 9.84
CA CYS A 522 -17.16 8.39 9.51
C CYS A 522 -17.11 8.03 8.04
N THR A 523 -16.94 6.78 7.68
CA THR A 523 -16.85 6.34 6.30
C THR A 523 -18.10 6.69 5.49
N PRO A 524 -19.32 6.49 5.93
CA PRO A 524 -20.49 6.96 5.15
C PRO A 524 -20.52 8.46 4.97
N SER A 525 -20.00 9.27 5.88
CA SER A 525 -19.92 10.73 5.80
C SER A 525 -21.31 11.34 5.61
N THR A 526 -22.14 11.17 6.57
CA THR A 526 -23.49 11.70 6.56
C THR A 526 -23.47 13.23 6.45
N GLY A 527 -24.29 13.82 5.52
CA GLY A 527 -24.31 15.24 5.28
C GLY A 527 -25.69 15.80 4.98
N ALA A 528 -25.87 16.70 3.88
CA ALA A 528 -27.14 17.35 3.55
C ALA A 528 -28.21 16.33 3.18
N PHE A 529 -27.84 15.33 2.35
CA PHE A 529 -28.79 14.30 1.96
C PHE A 529 -28.99 13.24 3.02
N LYS A 530 -28.20 13.28 4.09
CA LYS A 530 -28.33 12.34 5.20
C LYS A 530 -28.44 13.17 6.48
N PRO A 531 -29.59 13.82 6.69
CA PRO A 531 -29.71 14.77 7.80
C PRO A 531 -29.61 14.08 9.16
N CYS A 532 -29.15 14.87 10.12
CA CYS A 532 -29.06 14.40 11.49
C CYS A 532 -30.06 15.05 12.43
N GLU A 533 -30.34 16.35 12.28
CA GLU A 533 -31.21 17.09 13.18
C GLU A 533 -32.59 17.35 12.61
N TYR A 534 -32.73 17.86 11.48
CA TYR A 534 -34.01 18.20 10.87
C TYR A 534 -34.07 17.64 9.46
N LEU A 535 -35.25 17.07 9.15
CA LEU A 535 -35.39 16.41 7.86
C LEU A 535 -35.39 17.43 6.72
N LEU A 536 -36.28 18.29 6.72
CA LEU A 536 -36.36 19.28 5.65
C LEU A 536 -35.22 20.29 5.75
N GLY A 537 -34.94 20.84 6.95
CA GLY A 537 -33.87 21.81 7.15
C GLY A 537 -34.30 23.11 7.79
N SER A 538 -34.10 24.19 7.08
CA SER A 538 -34.32 25.53 7.62
C SER A 538 -35.81 25.76 7.89
N TRP A 539 -36.03 26.94 8.37
CA TRP A 539 -37.39 27.29 8.75
C TRP A 539 -38.26 27.72 7.58
N MET A 540 -37.59 27.95 6.43
CA MET A 540 -38.35 28.42 5.28
C MET A 540 -38.94 27.28 4.45
N ILE A 541 -38.15 26.21 4.26
CA ILE A 541 -38.61 25.10 3.43
C ILE A 541 -39.79 24.39 4.09
N ARG A 542 -39.83 24.35 5.40
CA ARG A 542 -40.98 23.76 6.08
C ARG A 542 -42.26 24.53 5.76
N LEU A 543 -42.19 25.87 5.83
CA LEU A 543 -43.35 26.68 5.49
C LEU A 543 -43.72 26.52 4.03
N THR A 544 -42.60 26.43 3.13
CA THR A 544 -42.87 26.26 1.70
C THR A 544 -43.63 24.96 1.44
N VAL A 545 -43.15 23.89 1.97
CA VAL A 545 -43.79 22.60 1.72
C VAL A 545 -45.17 22.55 2.36
N TRP A 546 -45.39 23.18 3.52
CA TRP A 546 -46.71 23.25 4.16
C TRP A 546 -47.70 24.00 3.28
N PHE A 547 -47.27 25.14 2.75
CA PHE A 547 -48.13 25.91 1.88
C PHE A 547 -48.48 25.13 0.62
N ILE A 548 -47.50 24.46 0.02
CA ILE A 548 -47.75 23.69 -1.20
C ILE A 548 -48.77 22.59 -0.95
N PHE A 549 -48.66 21.87 0.15
CA PHE A 549 -49.58 20.79 0.46
C PHE A 549 -50.99 21.32 0.72
N LEU A 550 -51.17 22.39 1.53
CA LEU A 550 -52.48 22.91 1.88
C LEU A 550 -53.20 23.50 0.67
N VAL A 551 -52.47 24.02 -0.30
CA VAL A 551 -53.11 24.55 -1.50
C VAL A 551 -53.51 23.42 -2.45
N ALA A 552 -52.60 22.50 -2.68
CA ALA A 552 -52.85 21.44 -3.67
C ALA A 552 -53.97 20.51 -3.23
N LEU A 553 -53.93 20.05 -1.97
CA LEU A 553 -54.90 19.05 -1.51
C LEU A 553 -56.33 19.55 -1.64
N PHE A 554 -56.61 20.89 -1.49
CA PHE A 554 -57.95 21.44 -1.60
C PHE A 554 -58.30 21.85 -3.02
N PHE A 555 -57.38 22.48 -3.75
CA PHE A 555 -57.71 22.95 -5.09
C PHE A 555 -57.92 21.80 -6.06
N ASN A 556 -57.10 20.77 -5.98
CA ASN A 556 -57.29 19.61 -6.86
C ASN A 556 -58.63 18.95 -6.59
N LEU A 557 -59.03 18.83 -5.33
CA LEU A 557 -60.32 18.25 -4.97
C LEU A 557 -61.47 19.10 -5.48
N LEU A 558 -61.35 20.42 -5.37
CA LEU A 558 -62.41 21.30 -5.86
C LEU A 558 -62.57 21.18 -7.37
N VAL A 559 -61.46 21.13 -8.12
CA VAL A 559 -61.53 20.99 -9.57
C VAL A 559 -62.18 19.66 -9.94
N ILE A 560 -61.79 18.57 -9.26
CA ILE A 560 -62.36 17.26 -9.54
C ILE A 560 -63.86 17.27 -9.27
N LEU A 561 -64.29 17.86 -8.18
CA LEU A 561 -65.71 17.91 -7.86
C LEU A 561 -66.47 18.74 -8.89
N THR A 562 -65.88 19.83 -9.37
CA THR A 562 -66.59 20.69 -10.31
C THR A 562 -66.66 20.08 -11.70
N THR A 563 -65.60 19.42 -12.09
CA THR A 563 -65.58 18.90 -13.45
C THR A 563 -66.52 17.72 -13.64
N PHE A 564 -66.29 16.68 -12.84
CA PHE A 564 -67.05 15.45 -13.03
C PHE A 564 -68.27 15.39 -12.12
N ALA A 565 -69.14 16.40 -12.19
CA ALA A 565 -70.38 16.39 -11.44
C ALA A 565 -71.56 16.96 -12.22
N SER A 566 -71.42 17.18 -13.52
CA SER A 566 -72.48 17.76 -14.34
C SER A 566 -73.19 16.72 -15.20
N CYS A 567 -72.46 15.93 -15.97
CA CYS A 567 -73.06 14.90 -16.81
C CYS A 567 -72.02 13.81 -17.06
N THR A 568 -72.53 12.66 -17.40
CA THR A 568 -71.63 11.53 -17.68
C THR A 568 -70.87 11.73 -18.99
N SER A 569 -71.54 12.23 -20.01
CA SER A 569 -70.93 12.44 -21.31
C SER A 569 -70.36 13.85 -21.38
N LEU A 570 -69.06 13.94 -21.58
CA LEU A 570 -68.37 15.22 -21.65
C LEU A 570 -67.51 15.28 -22.90
N PRO A 571 -67.37 16.52 -23.47
CA PRO A 571 -66.50 16.65 -24.64
C PRO A 571 -65.08 16.23 -24.31
N SER A 572 -64.43 15.69 -25.34
CA SER A 572 -63.04 15.29 -25.16
C SER A 572 -62.14 16.48 -24.83
N SER A 573 -62.57 17.79 -25.35
CA SER A 573 -61.78 18.96 -25.02
C SER A 573 -61.76 19.22 -23.52
N LYS A 574 -62.97 19.21 -22.97
CA LYS A 574 -63.07 19.39 -21.51
C LYS A 574 -62.97 18.06 -20.79
N LEU A 575 -62.00 17.31 -21.21
CA LEU A 575 -61.76 16.02 -20.57
C LEU A 575 -60.39 15.95 -19.91
N PHE A 576 -59.42 16.27 -20.73
CA PHE A 576 -58.06 16.11 -20.22
C PHE A 576 -57.79 17.00 -19.01
N ILE A 577 -58.61 18.04 -18.92
CA ILE A 577 -58.41 18.91 -17.76
C ILE A 577 -58.68 18.16 -16.47
N GLY A 578 -59.74 17.29 -16.51
CA GLY A 578 -60.04 16.51 -15.31
C GLY A 578 -58.96 15.51 -14.98
N LEU A 579 -58.42 14.82 -15.99
CA LEU A 579 -57.35 13.85 -15.75
C LEU A 579 -56.08 14.53 -15.26
N ILE A 580 -55.74 15.69 -15.81
CA ILE A 580 -54.59 16.45 -15.32
C ILE A 580 -54.81 16.86 -13.87
N SER A 581 -56.04 17.15 -13.57
CA SER A 581 -56.36 17.51 -12.19
C SER A 581 -56.19 16.31 -11.26
N VAL A 582 -56.51 15.09 -11.68
CA VAL A 582 -56.32 13.88 -10.88
C VAL A 582 -54.84 13.63 -10.64
N SER A 583 -53.99 13.73 -11.61
CA SER A 583 -52.54 13.57 -11.44
C SER A 583 -51.97 14.59 -10.46
N ASN A 584 -52.40 15.78 -10.48
CA ASN A 584 -51.96 16.79 -9.53
C ASN A 584 -52.39 16.45 -8.11
N LEU A 585 -53.54 15.81 -7.91
CA LEU A 585 -53.98 15.37 -6.59
C LEU A 585 -53.08 14.28 -6.04
N PHE A 586 -52.58 13.37 -6.84
CA PHE A 586 -51.64 12.35 -6.39
C PHE A 586 -50.32 12.97 -5.93
N MET A 587 -49.75 13.96 -6.63
CA MET A 587 -48.54 14.66 -6.22
C MET A 587 -48.73 15.36 -4.87
N GLY A 588 -49.87 16.01 -4.62
CA GLY A 588 -50.14 16.66 -3.35
C GLY A 588 -50.22 15.68 -2.20
N ILE A 589 -50.74 14.50 -2.45
CA ILE A 589 -50.76 13.45 -1.43
C ILE A 589 -49.33 13.07 -1.05
N TYR A 590 -48.43 12.95 -2.03
CA TYR A 590 -47.04 12.66 -1.74
C TYR A 590 -46.39 13.76 -0.89
N THR A 591 -46.65 15.06 -1.18
CA THR A 591 -46.10 16.17 -0.41
C THR A 591 -46.63 16.17 1.02
N GLY A 592 -47.90 15.85 1.21
CA GLY A 592 -48.46 15.74 2.54
C GLY A 592 -47.81 14.63 3.35
N ILE A 593 -47.52 13.50 2.73
CA ILE A 593 -46.80 12.43 3.42
C ILE A 593 -45.43 12.92 3.87
N LEU A 594 -44.72 13.63 3.02
CA LEU A 594 -43.39 14.14 3.36
C LEU A 594 -43.46 15.09 4.55
N THR A 595 -44.41 16.03 4.56
CA THR A 595 -44.47 17.01 5.64
C THR A 595 -44.94 16.38 6.94
N PHE A 596 -45.83 15.37 6.90
CA PHE A 596 -46.21 14.66 8.11
C PHE A 596 -45.03 13.94 8.73
N LEU A 597 -44.24 13.26 7.91
CA LEU A 597 -43.03 12.61 8.43
C LEU A 597 -42.07 13.61 9.04
N ASP A 598 -41.89 14.75 8.40
CA ASP A 598 -40.99 15.77 8.93
C ASP A 598 -41.50 16.32 10.26
N ALA A 599 -42.72 16.50 10.40
CA ALA A 599 -43.28 17.09 11.61
C ALA A 599 -43.32 16.11 12.77
N VAL A 600 -43.46 14.82 12.49
CA VAL A 600 -43.50 13.84 13.57
C VAL A 600 -42.20 13.85 14.36
N SER A 601 -41.07 13.85 13.64
CA SER A 601 -39.75 13.83 14.24
C SER A 601 -39.01 15.10 13.82
N TRP A 602 -39.07 16.14 14.68
CA TRP A 602 -38.44 17.43 14.41
C TRP A 602 -37.09 17.55 15.12
N GLY A 603 -37.08 17.35 16.43
CA GLY A 603 -35.83 17.48 17.17
C GLY A 603 -34.81 16.41 16.81
N ARG A 604 -35.27 15.20 16.61
CA ARG A 604 -34.40 14.06 16.37
C ARG A 604 -34.79 13.37 15.07
N PHE A 605 -33.81 13.15 14.21
CA PHE A 605 -34.03 12.37 13.00
C PHE A 605 -33.05 11.22 12.84
N ALA A 606 -31.90 11.24 13.51
CA ALA A 606 -30.95 10.15 13.38
C ALA A 606 -31.48 8.83 13.88
N GLU A 607 -32.50 8.86 14.74
CA GLU A 607 -33.08 7.63 15.26
C GLU A 607 -34.17 7.06 14.38
N PHE A 608 -34.61 7.79 13.35
CA PHE A 608 -35.66 7.32 12.46
C PHE A 608 -35.22 7.14 11.02
N GLY A 609 -34.03 7.53 10.67
CA GLY A 609 -33.59 7.42 9.28
C GLY A 609 -33.47 5.98 8.81
N ILE A 610 -32.96 5.10 9.67
CA ILE A 610 -32.78 3.71 9.28
C ILE A 610 -34.13 3.05 9.03
N TRP A 611 -35.09 3.28 9.92
CA TRP A 611 -36.42 2.70 9.75
C TRP A 611 -37.13 3.26 8.53
N TRP A 612 -36.71 4.42 8.14
CA TRP A 612 -37.36 5.03 6.98
C TRP A 612 -36.76 4.53 5.68
N GLU A 613 -35.43 4.55 5.56
CA GLU A 613 -34.80 4.16 4.30
C GLU A 613 -34.87 2.65 4.09
N THR A 614 -34.58 1.80 5.18
CA THR A 614 -34.57 0.35 5.07
C THR A 614 -35.93 -0.28 5.33
N GLY A 615 -36.97 0.44 5.71
CA GLY A 615 -38.29 -0.10 6.00
C GLY A 615 -39.12 -0.34 4.75
N SER A 616 -40.43 -0.03 4.85
CA SER A 616 -41.35 -0.22 3.74
C SER A 616 -42.21 1.02 3.54
N GLY A 617 -41.65 2.13 3.76
CA GLY A 617 -42.40 3.37 3.59
C GLY A 617 -41.83 4.28 2.53
N CYS A 618 -40.57 4.13 2.33
CA CYS A 618 -39.94 5.01 1.35
C CYS A 618 -40.31 4.61 -0.07
N LYS A 619 -40.43 3.26 -0.31
CA LYS A 619 -40.73 2.79 -1.65
C LYS A 619 -42.14 3.16 -2.09
N VAL A 620 -43.14 3.12 -1.11
CA VAL A 620 -44.50 3.51 -1.47
C VAL A 620 -44.55 4.97 -1.87
N ALA A 621 -43.91 5.80 -1.07
CA ALA A 621 -43.87 7.22 -1.42
C ALA A 621 -43.16 7.45 -2.75
N GLY A 622 -42.09 6.70 -2.95
CA GLY A 622 -41.41 6.81 -4.23
C GLY A 622 -42.29 6.38 -5.39
N PHE A 623 -43.05 5.32 -5.24
CA PHE A 623 -43.96 4.86 -6.28
C PHE A 623 -45.05 5.89 -6.55
N LEU A 624 -45.50 6.49 -5.50
CA LEU A 624 -46.51 7.54 -5.69
C LEU A 624 -45.94 8.71 -6.45
N ALA A 625 -44.63 9.20 -6.14
CA ALA A 625 -44.02 10.35 -6.82
C ALA A 625 -43.78 10.06 -8.30
N VAL A 626 -43.16 8.97 -8.64
CA VAL A 626 -42.88 8.61 -10.04
C VAL A 626 -44.19 8.49 -10.82
N PHE A 627 -45.16 7.92 -10.27
CA PHE A 627 -46.45 7.77 -10.95
C PHE A 627 -47.07 9.12 -11.25
N SER A 628 -47.01 10.09 -10.33
CA SER A 628 -47.59 11.41 -10.55
C SER A 628 -46.88 12.15 -11.68
N SER A 629 -45.50 12.19 -11.71
CA SER A 629 -44.75 12.91 -12.74
C SER A 629 -45.00 12.33 -14.13
N GLU A 630 -44.87 11.05 -14.30
CA GLU A 630 -45.05 10.42 -15.62
C GLU A 630 -46.47 10.62 -16.13
N SER A 631 -47.45 10.51 -15.30
CA SER A 631 -48.83 10.73 -15.73
C SER A 631 -49.03 12.16 -16.20
N ALA A 632 -48.44 13.23 -15.56
CA ALA A 632 -48.60 14.62 -15.96
C ALA A 632 -48.00 14.88 -17.34
N ILE A 633 -46.77 14.43 -17.57
CA ILE A 633 -46.12 14.74 -18.84
C ILE A 633 -46.80 14.03 -20.00
N PHE A 634 -47.22 12.77 -19.84
CA PHE A 634 -47.87 12.02 -20.92
C PHE A 634 -49.23 12.61 -21.25
N LEU A 635 -50.04 13.03 -20.32
CA LEU A 635 -51.36 13.60 -20.57
C LEU A 635 -51.24 14.97 -21.24
N LEU A 636 -50.25 15.77 -20.87
CA LEU A 636 -50.07 17.05 -21.53
C LEU A 636 -49.72 16.86 -23.00
N MET A 637 -48.85 15.90 -23.32
CA MET A 637 -48.51 15.64 -24.73
C MET A 637 -49.72 15.16 -25.50
N LEU A 638 -50.53 14.26 -24.93
CA LEU A 638 -51.72 13.78 -25.61
C LEU A 638 -52.73 14.89 -25.82
N ALA A 639 -52.89 15.79 -24.84
CA ALA A 639 -53.79 16.93 -25.02
C ALA A 639 -53.32 17.84 -26.15
N THR A 640 -52.02 18.07 -26.23
CA THR A 640 -51.50 18.86 -27.33
C THR A 640 -51.79 18.21 -28.67
N VAL A 641 -51.60 16.88 -28.77
CA VAL A 641 -51.86 16.18 -30.02
C VAL A 641 -53.35 16.26 -30.37
N GLU A 642 -54.25 16.04 -29.33
CA GLU A 642 -55.69 16.09 -29.58
C GLU A 642 -56.12 17.46 -30.08
N ARG A 643 -55.62 18.52 -29.44
CA ARG A 643 -55.93 19.87 -29.92
C ARG A 643 -55.35 20.10 -31.31
N SER A 644 -54.23 19.44 -31.59
CA SER A 644 -53.65 19.56 -32.92
C SER A 644 -54.55 18.92 -33.98
N LEU A 645 -55.19 17.77 -33.61
CA LEU A 645 -56.06 17.10 -34.58
C LEU A 645 -57.22 18.00 -35.00
N SER A 646 -57.84 18.69 -34.02
CA SER A 646 -58.90 19.63 -34.34
C SER A 646 -58.33 20.82 -35.12
N ALA A 647 -59.12 21.32 -36.03
CA ALA A 647 -58.70 22.46 -36.83
C ALA A 647 -59.90 23.29 -37.30
N ASN A 657 -65.18 13.88 -34.15
CA ASN A 657 -65.41 12.66 -34.92
C ASN A 657 -64.50 11.54 -34.43
N HIS A 658 -63.42 11.96 -33.80
CA HIS A 658 -62.45 11.01 -33.25
C HIS A 658 -62.63 10.83 -31.74
N LEU A 659 -63.87 10.94 -31.34
CA LEU A 659 -64.16 10.83 -29.91
C LEU A 659 -64.21 9.40 -29.42
N LYS A 660 -64.00 8.47 -30.37
CA LYS A 660 -64.10 7.06 -30.01
C LYS A 660 -62.76 6.44 -29.64
N GLN A 661 -61.66 7.26 -29.70
CA GLN A 661 -60.33 6.71 -29.42
C GLN A 661 -59.54 7.49 -28.38
N PHE A 662 -59.87 8.80 -28.17
CA PHE A 662 -59.10 9.58 -27.20
C PHE A 662 -59.20 8.99 -25.80
N ARG A 663 -60.31 8.48 -25.51
CA ARG A 663 -60.44 7.82 -24.21
C ARG A 663 -59.49 6.63 -24.12
N VAL A 664 -59.38 5.83 -25.17
CA VAL A 664 -58.46 4.70 -25.19
C VAL A 664 -57.02 5.19 -25.10
N ALA A 665 -56.72 6.29 -25.77
CA ALA A 665 -55.37 6.85 -25.70
C ALA A 665 -55.04 7.30 -24.29
N ALA A 666 -55.99 7.93 -23.59
CA ALA A 666 -55.76 8.37 -22.22
C ALA A 666 -55.57 7.18 -21.28
N LEU A 667 -56.37 6.13 -21.43
CA LEU A 667 -56.21 4.95 -20.62
C LEU A 667 -54.84 4.31 -20.85
N LEU A 668 -54.37 4.20 -22.03
CA LEU A 668 -53.05 3.66 -22.34
C LEU A 668 -51.95 4.53 -21.73
N ALA A 669 -52.14 5.77 -21.64
CA ALA A 669 -51.16 6.66 -21.01
C ALA A 669 -51.06 6.41 -19.52
N PHE A 670 -52.11 6.31 -18.72
CA PHE A 670 -51.82 6.12 -17.26
C PHE A 670 -50.96 4.88 -17.04
N LEU A 671 -51.21 3.86 -17.86
CA LEU A 671 -50.40 2.63 -17.76
C LEU A 671 -48.93 2.99 -18.00
N GLY A 672 -48.68 4.04 -18.77
CA GLY A 672 -47.29 4.41 -19.08
C GLY A 672 -46.56 4.74 -17.80
N ALA A 673 -47.16 5.61 -17.00
CA ALA A 673 -46.57 5.97 -15.70
C ALA A 673 -46.53 4.77 -14.76
N THR A 674 -47.54 3.91 -14.77
CA THR A 674 -47.36 2.73 -13.89
C THR A 674 -46.06 2.04 -14.29
N VAL A 675 -45.81 1.77 -15.58
CA VAL A 675 -44.56 1.02 -15.91
C VAL A 675 -43.37 1.87 -15.49
N ALA A 676 -43.44 3.17 -15.71
CA ALA A 676 -42.37 4.08 -15.24
C ALA A 676 -42.00 3.80 -13.78
N GLY A 677 -42.94 3.93 -12.83
CA GLY A 677 -42.55 3.78 -11.40
C GLY A 677 -42.40 2.35 -10.94
N CYS A 678 -43.15 1.47 -11.54
CA CYS A 678 -43.07 0.03 -11.25
C CYS A 678 -41.61 -0.36 -11.42
N PHE A 679 -40.91 0.33 -12.31
CA PHE A 679 -39.52 -0.11 -12.62
C PHE A 679 -38.54 0.28 -11.54
N PRO A 680 -38.41 1.53 -11.08
CA PRO A 680 -37.36 1.86 -10.12
C PRO A 680 -37.66 1.04 -8.86
N LEU A 681 -38.89 0.48 -8.66
CA LEU A 681 -39.10 -0.37 -7.44
C LEU A 681 -38.59 -1.80 -7.67
N PHE A 682 -39.23 -2.53 -8.58
CA PHE A 682 -38.78 -3.90 -8.91
C PHE A 682 -37.29 -3.92 -9.23
N HIS A 683 -36.75 -2.83 -9.77
CA HIS A 683 -35.32 -2.87 -10.02
C HIS A 683 -34.55 -2.93 -8.71
N ARG A 684 -33.46 -3.61 -8.73
CA ARG A 684 -32.64 -3.76 -7.52
C ARG A 684 -32.09 -2.41 -7.07
N GLY A 685 -31.70 -1.56 -8.01
CA GLY A 685 -31.15 -0.25 -7.68
C GLY A 685 -32.21 0.74 -7.25
N GLU A 686 -32.86 0.52 -6.08
CA GLU A 686 -33.86 1.45 -5.58
C GLU A 686 -33.22 2.80 -5.25
N TYR A 687 -33.89 3.90 -5.54
CA TYR A 687 -33.42 5.26 -5.29
C TYR A 687 -33.82 5.64 -3.87
N SER A 688 -32.92 5.45 -2.92
CA SER A 688 -33.15 5.79 -1.52
C SER A 688 -31.95 6.51 -0.92
N ALA A 689 -31.12 7.16 -1.78
CA ALA A 689 -29.96 7.90 -1.28
C ALA A 689 -30.38 9.07 -0.39
N SER A 690 -31.58 9.46 -0.54
CA SER A 690 -32.12 10.51 0.31
C SER A 690 -33.45 10.06 0.89
N PRO A 691 -33.83 10.54 2.06
CA PRO A 691 -35.12 10.17 2.65
C PRO A 691 -36.31 10.62 1.81
N LEU A 692 -36.14 11.58 0.93
CA LEU A 692 -37.23 12.01 0.07
C LEU A 692 -37.63 10.94 -0.93
N CYS A 693 -36.66 10.14 -1.38
CA CYS A 693 -36.89 9.10 -2.37
C CYS A 693 -37.47 9.67 -3.66
N LEU A 694 -36.63 10.45 -4.37
CA LEU A 694 -36.98 11.02 -5.66
C LEU A 694 -36.02 10.51 -6.73
N PRO A 695 -36.46 10.44 -8.15
CA PRO A 695 -35.58 9.92 -9.20
C PRO A 695 -34.38 10.80 -9.50
N PHE A 696 -34.38 11.98 -9.16
CA PHE A 696 -33.29 12.91 -9.49
C PHE A 696 -32.00 12.45 -8.82
N PRO A 697 -30.87 12.42 -9.50
CA PRO A 697 -29.67 11.79 -8.95
C PRO A 697 -29.01 12.66 -7.89
N THR A 698 -28.67 11.95 -6.83
CA THR A 698 -27.86 12.57 -5.78
C THR A 698 -26.48 11.94 -5.67
N GLY A 699 -26.19 10.85 -6.39
CA GLY A 699 -24.90 10.19 -6.36
C GLY A 699 -24.86 9.09 -7.38
N GLU A 700 -23.66 8.44 -7.47
CA GLU A 700 -23.46 7.34 -8.41
C GLU A 700 -23.84 5.99 -7.85
N THR A 701 -24.17 5.88 -6.55
CA THR A 701 -24.57 4.61 -5.95
C THR A 701 -25.79 3.98 -6.63
N PRO A 702 -26.82 4.65 -6.88
CA PRO A 702 -27.98 4.00 -7.51
C PRO A 702 -27.76 3.80 -9.01
N SER A 703 -28.75 3.28 -9.66
CA SER A 703 -28.71 3.05 -11.09
C SER A 703 -28.92 4.37 -11.81
N LEU A 704 -27.82 4.85 -12.43
CA LEU A 704 -27.90 6.11 -13.15
C LEU A 704 -28.64 5.98 -14.47
N GLY A 705 -28.71 4.74 -14.98
CA GLY A 705 -29.36 4.58 -16.26
C GLY A 705 -30.82 4.96 -16.26
N PHE A 706 -31.46 4.68 -15.12
CA PHE A 706 -32.88 5.01 -15.05
C PHE A 706 -33.11 6.51 -15.15
N THR A 707 -32.25 7.28 -14.41
CA THR A 707 -32.39 8.73 -14.46
C THR A 707 -32.10 9.28 -15.85
N VAL A 708 -31.00 8.71 -16.48
CA VAL A 708 -30.66 9.17 -17.83
C VAL A 708 -31.80 8.84 -18.79
N THR A 709 -32.33 7.63 -18.60
CA THR A 709 -33.44 7.27 -19.47
C THR A 709 -34.63 8.18 -19.23
N LEU A 710 -34.91 8.42 -17.96
CA LEU A 710 -36.05 9.29 -17.67
C LEU A 710 -35.83 10.70 -18.22
N VAL A 711 -34.65 11.25 -18.03
CA VAL A 711 -34.40 12.62 -18.47
C VAL A 711 -34.38 12.70 -19.99
N LEU A 712 -33.82 11.68 -20.66
CA LEU A 712 -33.82 11.67 -22.13
C LEU A 712 -35.24 11.59 -22.68
N LEU A 713 -36.15 10.75 -22.11
CA LEU A 713 -37.53 10.64 -22.58
C LEU A 713 -38.29 11.95 -22.36
N ASN A 714 -38.17 12.61 -21.23
CA ASN A 714 -38.86 13.87 -20.95
C ASN A 714 -38.41 14.97 -21.89
N SER A 715 -37.17 15.08 -22.22
CA SER A 715 -36.67 16.10 -23.14
C SER A 715 -37.21 15.88 -24.55
N LEU A 716 -37.32 14.66 -25.04
CA LEU A 716 -37.88 14.38 -26.37
C LEU A 716 -39.34 14.77 -26.43
N ALA A 717 -40.18 14.47 -25.41
CA ALA A 717 -41.59 14.84 -25.39
C ALA A 717 -41.77 16.34 -25.41
N PHE A 718 -41.03 17.10 -24.66
CA PHE A 718 -41.14 18.56 -24.63
C PHE A 718 -40.81 19.16 -25.98
N LEU A 719 -39.81 18.70 -26.67
CA LEU A 719 -39.45 19.22 -27.99
C LEU A 719 -40.56 18.95 -29.01
N LEU A 720 -41.24 17.80 -29.04
CA LEU A 720 -42.30 17.46 -29.98
C LEU A 720 -43.53 18.35 -29.75
N MET A 721 -44.04 18.59 -28.51
CA MET A 721 -45.20 19.42 -28.21
C MET A 721 -44.97 20.87 -28.64
N ALA A 722 -43.90 21.46 -28.41
CA ALA A 722 -43.61 22.84 -28.80
C ALA A 722 -43.67 23.00 -30.31
N VAL A 723 -43.17 22.09 -31.09
CA VAL A 723 -43.20 22.19 -32.55
C VAL A 723 -44.63 22.11 -33.06
N ILE A 724 -45.42 21.10 -32.59
CA ILE A 724 -46.79 20.92 -33.07
C ILE A 724 -47.63 22.15 -32.76
N TYR A 725 -47.57 22.73 -31.56
CA TYR A 725 -48.35 23.92 -31.22
C TYR A 725 -47.90 25.14 -32.00
N THR A 726 -46.58 25.25 -32.29
CA THR A 726 -46.12 26.33 -33.16
C THR A 726 -46.74 26.21 -34.54
N LYS A 727 -46.56 25.03 -35.03
CA LYS A 727 -47.22 24.83 -36.31
C LYS A 727 -48.69 25.20 -36.24
N LEU A 728 -49.25 24.84 -35.12
CA LEU A 728 -50.67 25.19 -34.96
C LEU A 728 -50.87 26.71 -34.94
N TYR A 729 -49.90 27.42 -34.19
CA TYR A 729 -50.01 28.88 -34.14
C TYR A 729 -49.59 29.55 -35.44
N CYS A 730 -48.73 28.84 -36.27
CA CYS A 730 -48.33 29.39 -37.56
C CYS A 730 -49.55 29.67 -38.44
N ASN A 731 -50.39 28.75 -38.46
CA ASN A 731 -51.58 28.91 -39.26
C ASN A 731 -52.80 29.19 -38.39
N ASN A 740 -66.55 32.51 -32.79
CA ASN A 740 -65.93 31.25 -32.42
C ASN A 740 -65.70 31.18 -30.91
N SER A 741 -65.39 29.96 -30.41
CA SER A 741 -65.16 29.74 -28.99
C SER A 741 -63.92 28.91 -28.67
N GLN A 742 -63.25 28.31 -29.66
CA GLN A 742 -62.08 27.49 -29.42
C GLN A 742 -60.85 28.30 -29.02
N SER A 743 -60.89 29.60 -29.15
CA SER A 743 -59.73 30.44 -28.82
C SER A 743 -59.39 30.35 -27.34
N SER A 744 -60.40 30.33 -26.46
CA SER A 744 -60.15 30.24 -25.02
C SER A 744 -59.49 28.91 -24.67
N MET A 745 -59.96 27.79 -25.25
CA MET A 745 -59.36 26.48 -24.99
C MET A 745 -57.93 26.43 -25.49
N ILE A 746 -57.66 26.98 -26.67
CA ILE A 746 -56.31 27.01 -27.20
C ILE A 746 -55.38 27.80 -26.29
N LYS A 747 -55.83 28.94 -25.80
CA LYS A 747 -55.01 29.75 -24.90
C LYS A 747 -54.74 29.02 -23.60
N HIS A 748 -55.73 28.32 -23.04
CA HIS A 748 -55.54 27.59 -21.80
C HIS A 748 -54.52 26.47 -21.98
N VAL A 749 -54.59 25.72 -23.08
CA VAL A 749 -53.63 24.65 -23.33
C VAL A 749 -52.23 25.20 -23.50
N ALA A 750 -52.04 26.31 -24.20
CA ALA A 750 -50.72 26.92 -24.39
C ALA A 750 -50.13 27.37 -23.06
N TRP A 751 -50.86 27.97 -22.18
CA TRP A 751 -50.37 28.38 -20.88
C TRP A 751 -49.96 27.17 -20.03
N LEU A 752 -50.69 26.09 -20.06
CA LEU A 752 -50.34 24.90 -19.28
C LEU A 752 -49.01 24.31 -19.75
N ILE A 753 -48.77 24.15 -21.05
CA ILE A 753 -47.54 23.55 -21.55
C ILE A 753 -46.35 24.45 -21.27
N PHE A 754 -46.51 25.78 -21.39
CA PHE A 754 -45.42 26.70 -21.09
C PHE A 754 -45.02 26.61 -19.62
N THR A 755 -45.99 26.61 -18.70
CA THR A 755 -45.69 26.52 -17.29
C THR A 755 -45.00 25.20 -16.94
N ASN A 756 -45.46 24.11 -17.53
CA ASN A 756 -44.82 22.82 -17.27
C ASN A 756 -43.39 22.79 -17.81
N CYS A 757 -43.16 23.41 -18.96
CA CYS A 757 -41.82 23.40 -19.54
C CYS A 757 -40.86 24.28 -18.74
N ILE A 758 -41.37 25.40 -18.19
CA ILE A 758 -40.50 26.33 -17.47
C ILE A 758 -39.94 25.67 -16.21
N PHE A 759 -40.79 24.97 -15.44
CA PHE A 759 -40.39 24.40 -14.16
C PHE A 759 -39.81 23.00 -14.28
N PHE A 760 -39.25 22.67 -15.42
CA PHE A 760 -38.58 21.39 -15.60
C PHE A 760 -37.11 21.53 -16.02
N CYS A 761 -36.75 22.65 -16.64
CA CYS A 761 -35.36 22.84 -17.06
C CYS A 761 -34.38 22.89 -15.89
N PRO A 762 -34.70 23.69 -14.83
CA PRO A 762 -33.70 23.72 -13.74
C PRO A 762 -33.43 22.35 -13.12
N VAL A 763 -34.47 21.54 -12.96
CA VAL A 763 -34.28 20.22 -12.37
C VAL A 763 -33.43 19.34 -13.29
N ALA A 764 -33.70 19.37 -14.59
CA ALA A 764 -32.90 18.60 -15.53
C ALA A 764 -31.46 19.08 -15.55
N PHE A 765 -31.25 20.40 -15.52
CA PHE A 765 -29.90 20.93 -15.51
C PHE A 765 -29.13 20.50 -14.28
N PHE A 766 -29.78 20.54 -13.12
CA PHE A 766 -29.12 20.09 -11.90
C PHE A 766 -28.97 18.58 -11.84
N SER A 767 -29.71 17.82 -12.66
CA SER A 767 -29.64 16.37 -12.62
C SER A 767 -28.27 15.86 -13.08
N PHE A 768 -27.79 16.32 -14.24
CA PHE A 768 -26.54 15.86 -14.82
C PHE A 768 -25.46 16.94 -14.85
N ALA A 769 -25.57 17.97 -14.02
CA ALA A 769 -24.56 19.02 -13.99
C ALA A 769 -23.18 18.51 -13.60
N PRO A 770 -22.99 17.76 -12.52
CA PRO A 770 -21.64 17.27 -12.20
C PRO A 770 -21.09 16.29 -13.23
N LEU A 771 -21.94 15.64 -14.03
CA LEU A 771 -21.47 14.65 -14.98
C LEU A 771 -20.63 15.26 -16.10
N ILE A 772 -21.00 16.40 -16.61
CA ILE A 772 -20.36 17.03 -17.75
C ILE A 772 -19.68 18.33 -17.36
N THR A 773 -20.37 19.21 -16.68
CA THR A 773 -19.81 20.51 -16.33
C THR A 773 -18.69 20.37 -15.30
N ALA A 774 -17.68 21.25 -15.43
CA ALA A 774 -16.53 21.23 -14.54
C ALA A 774 -16.76 21.94 -13.21
N ILE A 775 -17.84 22.53 -13.01
CA ILE A 775 -18.16 23.27 -11.80
C ILE A 775 -19.04 22.39 -10.91
N SER A 776 -18.62 22.28 -9.61
CA SER A 776 -19.36 21.49 -8.64
C SER A 776 -20.27 22.38 -7.81
N ILE A 777 -21.37 21.82 -7.35
CA ILE A 777 -22.38 22.53 -6.57
C ILE A 777 -22.61 21.76 -5.27
N SER A 778 -22.63 22.48 -4.16
CA SER A 778 -22.84 21.86 -2.86
C SER A 778 -24.18 21.14 -2.82
N PRO A 779 -24.27 19.99 -2.17
CA PRO A 779 -25.53 19.23 -2.18
C PRO A 779 -26.70 19.94 -1.50
N GLU A 780 -26.45 20.87 -0.59
CA GLU A 780 -27.54 21.55 0.11
C GLU A 780 -28.38 22.40 -0.85
N ILE A 781 -27.72 23.14 -1.73
CA ILE A 781 -28.43 23.96 -2.70
C ILE A 781 -29.25 23.08 -3.63
N MET A 782 -28.66 21.97 -4.08
CA MET A 782 -29.37 21.05 -4.96
C MET A 782 -30.59 20.46 -4.26
N LYS A 783 -30.45 20.08 -2.98
CA LYS A 783 -31.58 19.55 -2.24
C LYS A 783 -32.69 20.58 -2.10
N SER A 784 -32.34 21.82 -1.80
CA SER A 784 -33.36 22.87 -1.67
C SER A 784 -34.07 23.11 -3.00
N VAL A 785 -33.33 23.16 -4.10
CA VAL A 785 -33.93 23.39 -5.41
C VAL A 785 -34.86 22.24 -5.78
N THR A 786 -34.46 21.01 -5.55
CA THR A 786 -35.32 19.86 -5.83
C THR A 786 -36.58 19.88 -5.00
N LEU A 787 -36.52 20.24 -3.72
CA LEU A 787 -37.69 20.30 -2.87
C LEU A 787 -38.66 21.39 -3.29
N ILE A 788 -38.15 22.51 -3.79
CA ILE A 788 -39.02 23.63 -4.14
C ILE A 788 -39.66 23.43 -5.51
N PHE A 789 -38.85 23.16 -6.53
CA PHE A 789 -39.34 23.21 -7.91
C PHE A 789 -40.00 21.94 -8.40
N PHE A 790 -39.88 20.82 -7.69
CA PHE A 790 -40.45 19.57 -8.19
C PHE A 790 -41.95 19.48 -7.97
N PRO A 791 -42.49 19.73 -6.78
CA PRO A 791 -43.94 19.68 -6.60
C PRO A 791 -44.67 20.95 -6.97
N LEU A 792 -43.96 21.97 -7.42
CA LEU A 792 -44.61 23.23 -7.78
C LEU A 792 -45.63 23.11 -8.91
N PRO A 793 -45.39 22.36 -9.98
CA PRO A 793 -46.42 22.25 -11.03
C PRO A 793 -47.76 21.71 -10.53
N ALA A 794 -47.75 20.81 -9.54
CA ALA A 794 -49.00 20.27 -9.02
C ALA A 794 -49.84 21.36 -8.37
N CYS A 795 -49.21 22.40 -7.84
CA CYS A 795 -49.94 23.54 -7.29
C CYS A 795 -50.25 24.58 -8.34
N LEU A 796 -49.41 24.68 -9.28
CA LEU A 796 -49.62 25.72 -10.29
C LEU A 796 -50.69 25.35 -11.30
N ASN A 797 -50.89 24.05 -11.56
CA ASN A 797 -51.88 23.64 -12.57
C ASN A 797 -53.31 24.03 -12.21
N PRO A 798 -53.83 23.73 -11.00
CA PRO A 798 -55.26 24.02 -10.77
C PRO A 798 -55.55 25.50 -10.56
N VAL A 799 -54.61 26.27 -10.03
CA VAL A 799 -54.90 27.68 -9.76
C VAL A 799 -55.15 28.46 -11.04
N LEU A 800 -54.47 28.09 -12.13
CA LEU A 800 -54.74 28.73 -13.41
C LEU A 800 -56.13 28.38 -13.92
N TYR A 801 -56.56 27.14 -13.76
CA TYR A 801 -57.87 26.73 -14.25
C TYR A 801 -58.99 27.39 -13.44
N VAL A 802 -58.80 27.57 -12.15
CA VAL A 802 -59.84 28.18 -11.32
C VAL A 802 -60.08 29.63 -11.73
N PHE A 803 -59.03 30.36 -12.11
CA PHE A 803 -59.12 31.79 -12.41
C PHE A 803 -59.39 32.07 -13.89
N PHE A 804 -58.63 31.45 -14.81
CA PHE A 804 -58.63 31.87 -16.21
C PHE A 804 -59.85 31.37 -16.98
N ASN A 805 -60.09 30.08 -16.97
CA ASN A 805 -61.09 29.49 -17.85
C ASN A 805 -62.49 29.99 -17.51
N PRO A 806 -63.20 30.64 -18.50
CA PRO A 806 -64.59 31.03 -18.23
C PRO A 806 -65.52 29.85 -18.00
N LYS A 807 -65.13 28.65 -18.45
CA LYS A 807 -65.98 27.49 -18.23
C LYS A 807 -66.17 27.21 -16.75
N PHE A 808 -65.10 27.34 -15.97
CA PHE A 808 -65.22 27.14 -14.53
C PHE A 808 -66.09 28.22 -13.89
N LYS A 809 -66.12 29.42 -14.49
CA LYS A 809 -66.96 30.50 -13.95
C LYS A 809 -68.44 30.16 -14.02
N GLU A 810 -68.84 29.22 -14.89
CA GLU A 810 -70.21 28.76 -14.99
C GLU A 810 -70.39 27.32 -14.54
N ASP A 811 -69.28 26.60 -14.28
CA ASP A 811 -69.38 25.20 -13.86
C ASP A 811 -70.11 25.06 -12.53
N TRP A 812 -69.83 25.95 -11.57
CA TRP A 812 -70.47 25.83 -10.27
C TRP A 812 -71.96 26.16 -10.30
N LYS A 813 -72.44 26.76 -11.38
CA LYS A 813 -73.87 27.05 -11.48
C LYS A 813 -74.70 25.79 -11.42
N LEU A 814 -74.28 24.75 -12.14
CA LEU A 814 -74.99 23.47 -12.09
C LEU A 814 -74.78 22.78 -10.75
N LEU A 815 -73.58 22.90 -10.16
CA LEU A 815 -73.30 22.26 -8.88
C LEU A 815 -74.12 22.87 -7.75
N LYS A 816 -74.46 24.14 -7.84
CA LYS A 816 -75.25 24.77 -6.79
C LYS A 816 -76.61 24.10 -6.64
N ARG A 817 -77.26 23.79 -7.75
CA ARG A 817 -78.56 23.12 -7.68
C ARG A 817 -78.43 21.73 -7.06
N ARG A 818 -77.46 20.94 -7.54
CA ARG A 818 -77.19 19.57 -7.07
C ARG A 818 -78.42 18.78 -6.66
N ALA B 5 27.30 18.23 -16.55
CA ALA B 5 27.37 16.91 -17.18
C ALA B 5 27.02 15.81 -16.19
N CYS B 6 27.83 14.85 -16.12
CA CYS B 6 27.64 13.71 -15.23
C CYS B 6 28.77 13.70 -14.22
N ALA B 7 28.43 13.44 -12.94
CA ALA B 7 29.43 13.37 -11.90
C ALA B 7 30.43 12.25 -12.20
N LYS B 8 31.63 12.51 -11.67
CA LYS B 8 32.69 11.53 -11.91
C LYS B 8 32.39 10.22 -11.20
N GLY B 9 32.66 9.19 -11.84
CA GLY B 9 32.43 7.88 -11.27
C GLY B 9 30.98 7.47 -11.29
N CYS B 10 30.11 8.36 -11.89
CA CYS B 10 28.68 8.09 -11.99
C CYS B 10 28.24 8.26 -13.45
N GLU B 11 27.37 7.50 -13.85
CA GLU B 11 26.89 7.54 -15.22
C GLU B 11 25.47 8.07 -15.34
N LEU B 12 24.65 8.00 -14.25
CA LEU B 12 23.32 8.60 -14.19
C LEU B 12 23.33 9.59 -13.03
N CYS B 13 23.67 10.83 -13.33
CA CYS B 13 23.84 11.87 -12.33
C CYS B 13 22.59 12.72 -12.22
N SER B 14 22.35 13.19 -11.07
CA SER B 14 21.23 14.09 -10.83
C SER B 14 21.67 15.14 -9.81
N GLU B 15 21.16 16.27 -10.02
CA GLU B 15 21.52 17.38 -9.15
C GLU B 15 20.53 17.59 -8.01
N VAL B 16 19.50 16.73 -7.92
CA VAL B 16 18.48 16.87 -6.89
C VAL B 16 18.70 15.88 -5.76
N ASN B 17 18.95 14.56 -6.16
CA ASN B 17 19.13 13.52 -5.15
C ASN B 17 20.47 12.80 -5.29
N GLY B 18 21.37 13.23 -6.22
CA GLY B 18 22.66 12.60 -6.41
C GLY B 18 22.65 11.55 -7.50
N CYS B 19 23.72 10.76 -7.50
CA CYS B 19 23.89 9.74 -8.51
C CYS B 19 22.79 8.68 -8.40
N LEU B 20 22.48 8.11 -9.54
CA LEU B 20 21.47 7.07 -9.61
C LEU B 20 22.07 5.70 -9.88
N LYS B 21 22.92 5.60 -10.90
CA LYS B 21 23.59 4.34 -11.21
C LYS B 21 25.05 4.65 -11.48
N CYS B 22 25.94 3.98 -10.76
CA CYS B 22 27.38 4.23 -10.89
C CYS B 22 27.94 3.37 -12.01
N SER B 23 29.27 3.23 -12.17
CA SER B 23 29.91 2.34 -13.12
C SER B 23 29.67 0.89 -12.72
N PRO B 24 29.59 0.01 -13.66
CA PRO B 24 29.34 -1.41 -13.32
C PRO B 24 30.43 -2.04 -12.47
N LYS B 25 31.63 -1.45 -12.42
CA LYS B 25 32.71 -1.96 -11.61
C LYS B 25 32.88 -1.20 -10.30
N LEU B 26 31.91 -0.28 -9.91
CA LEU B 26 32.01 0.55 -8.72
C LEU B 26 30.74 0.41 -7.89
N PHE B 27 30.87 0.74 -6.56
CA PHE B 27 29.78 0.64 -5.60
C PHE B 27 29.13 2.01 -5.39
N ILE B 28 27.94 2.05 -4.76
CA ILE B 28 27.22 3.26 -4.40
C ILE B 28 26.87 3.19 -2.92
N LEU B 29 27.20 4.28 -2.14
CA LEU B 29 26.97 4.36 -0.70
C LEU B 29 26.01 5.51 -0.42
N LEU B 30 24.98 5.24 0.39
CA LEU B 30 24.00 6.25 0.75
C LEU B 30 24.53 7.04 1.94
N GLU B 31 25.27 8.11 1.64
CA GLU B 31 25.84 8.99 2.67
C GLU B 31 24.81 10.06 3.00
N ARG B 32 24.23 9.98 4.19
CA ARG B 32 23.18 10.90 4.62
C ARG B 32 23.77 11.95 5.55
N ASN B 33 23.45 13.28 5.37
CA ASN B 33 23.84 14.38 6.24
C ASN B 33 22.76 14.56 7.30
N ASP B 34 22.79 15.68 8.05
CA ASP B 34 21.79 15.92 9.08
C ASP B 34 20.41 16.13 8.48
N ILE B 35 20.32 16.71 7.30
CA ILE B 35 19.05 17.03 6.66
C ILE B 35 18.81 16.17 5.42
N ARG B 36 19.79 16.09 4.53
CA ARG B 36 19.64 15.42 3.25
C ARG B 36 20.30 14.05 3.28
N GLN B 37 20.24 13.35 2.14
CA GLN B 37 20.85 12.03 1.98
C GLN B 37 21.26 11.88 0.51
N VAL B 38 22.55 11.76 0.25
CA VAL B 38 23.08 11.73 -1.10
C VAL B 38 23.88 10.44 -1.28
N GLY B 39 23.60 9.74 -2.38
CA GLY B 39 24.37 8.53 -2.71
C GLY B 39 25.67 8.95 -3.34
N VAL B 40 26.77 8.26 -3.08
CA VAL B 40 28.08 8.77 -3.58
C VAL B 40 28.96 7.60 -3.99
N CYS B 41 29.05 7.33 -5.28
CA CYS B 41 29.88 6.20 -5.76
C CYS B 41 31.23 6.33 -5.12
N LEU B 42 31.93 5.22 -5.00
CA LEU B 42 33.21 5.28 -4.30
C LEU B 42 33.92 3.99 -4.62
N PRO B 43 35.25 3.97 -4.66
CA PRO B 43 35.93 2.74 -5.12
C PRO B 43 35.80 1.58 -4.15
N SER B 44 35.78 1.91 -2.80
CA SER B 44 35.63 0.86 -1.80
C SER B 44 34.83 1.40 -0.64
N CYS B 45 34.13 0.48 0.04
CA CYS B 45 33.31 0.88 1.17
C CYS B 45 34.21 1.32 2.34
N PRO B 46 33.68 2.17 3.19
CA PRO B 46 34.45 2.59 4.38
C PRO B 46 34.68 1.42 5.31
N PRO B 47 35.60 1.53 6.24
CA PRO B 47 35.91 0.38 7.11
C PRO B 47 34.73 -0.15 7.90
N GLY B 48 33.79 0.71 8.26
CA GLY B 48 32.64 0.23 9.01
C GLY B 48 31.64 -0.55 8.19
N TYR B 49 31.80 -0.56 6.86
CA TYR B 49 30.91 -1.28 5.96
C TYR B 49 31.65 -2.45 5.30
N PHE B 50 30.91 -3.25 4.52
CA PHE B 50 31.50 -4.36 3.79
C PHE B 50 30.91 -4.39 2.38
N ASP B 51 31.68 -4.95 1.44
CA ASP B 51 31.23 -5.06 0.07
C ASP B 51 30.12 -6.09 -0.06
N ALA B 52 29.13 -5.91 -1.00
CA ALA B 52 28.00 -6.81 -1.24
C ALA B 52 27.67 -6.75 -2.74
N ARG B 53 28.20 -7.87 -3.66
CA ARG B 53 27.96 -7.93 -5.10
C ARG B 53 26.52 -8.28 -5.39
N ASN B 54 26.04 -7.79 -6.52
CA ASN B 54 24.70 -8.09 -6.99
C ASN B 54 24.68 -7.87 -8.48
N PRO B 55 24.07 -8.76 -9.26
CA PRO B 55 24.06 -8.58 -10.73
C PRO B 55 23.40 -7.29 -11.17
N ASP B 56 22.41 -6.80 -10.45
CA ASP B 56 21.72 -5.57 -10.84
C ASP B 56 22.53 -4.33 -10.43
N MET B 57 22.77 -4.16 -9.13
CA MET B 57 23.49 -3.00 -8.63
C MET B 57 24.13 -3.34 -7.30
N ASN B 58 25.39 -2.95 -7.11
CA ASN B 58 26.10 -3.19 -5.86
C ASN B 58 25.76 -2.12 -4.83
N LYS B 59 26.05 -2.41 -3.55
CA LYS B 59 25.74 -1.50 -2.46
C LYS B 59 26.49 -1.93 -1.21
N CYS B 60 26.98 -0.94 -0.42
CA CYS B 60 27.63 -1.22 0.85
C CYS B 60 26.58 -1.36 1.95
N ILE B 61 26.82 -2.30 2.88
CA ILE B 61 25.88 -2.61 3.94
C ILE B 61 26.61 -2.59 5.28
N LYS B 62 25.95 -2.04 6.36
CA LYS B 62 26.51 -2.06 7.70
C LYS B 62 26.52 -3.47 8.26
N CYS B 63 27.49 -3.74 9.23
CA CYS B 63 27.57 -5.05 9.84
C CYS B 63 26.69 -5.10 11.09
N LYS B 64 26.32 -6.31 11.61
CA LYS B 64 25.42 -6.54 12.73
C LYS B 64 26.12 -7.17 13.93
N ILE B 65 27.45 -7.12 13.93
CA ILE B 65 28.24 -7.68 15.03
C ILE B 65 29.00 -6.54 15.70
N GLU B 66 28.92 -6.45 17.00
CA GLU B 66 29.54 -5.36 17.75
C GLU B 66 31.03 -5.62 17.96
N HIS B 67 31.77 -4.54 18.30
CA HIS B 67 33.19 -4.59 18.62
C HIS B 67 34.02 -5.12 17.45
N CYS B 68 33.60 -4.88 16.18
CA CYS B 68 34.30 -5.32 14.98
C CYS B 68 34.57 -4.12 14.10
N GLU B 69 35.83 -4.01 13.65
CA GLU B 69 36.20 -2.90 12.78
C GLU B 69 35.82 -3.19 11.32
N ALA B 70 36.41 -4.25 10.73
CA ALA B 70 36.10 -4.69 9.37
C ALA B 70 35.60 -6.12 9.43
N CYS B 71 34.51 -6.43 8.68
CA CYS B 71 33.87 -7.73 8.73
C CYS B 71 33.72 -8.31 7.34
N PHE B 72 33.98 -9.59 7.17
CA PHE B 72 33.86 -10.28 5.89
C PHE B 72 32.42 -10.27 5.39
N SER B 73 31.50 -10.59 6.20
CA SER B 73 30.09 -10.60 5.86
C SER B 73 29.30 -10.26 7.12
N HIS B 74 28.01 -10.35 6.93
CA HIS B 74 27.17 -10.00 8.07
C HIS B 74 27.29 -10.98 9.23
N ASN B 75 27.87 -12.14 8.99
CA ASN B 75 28.03 -13.15 10.03
C ASN B 75 29.49 -13.54 10.25
N PHE B 76 30.41 -12.63 9.91
CA PHE B 76 31.82 -12.96 10.07
C PHE B 76 32.62 -11.66 10.16
N CYS B 77 33.70 -11.52 11.15
CA CYS B 77 34.56 -10.37 11.35
C CYS B 77 36.01 -10.80 11.19
N THR B 78 36.84 -9.83 10.84
CA THR B 78 38.25 -10.11 10.63
C THR B 78 39.19 -9.21 11.41
N LYS B 79 38.68 -8.13 12.06
CA LYS B 79 39.55 -7.25 12.84
C LYS B 79 38.69 -6.52 13.86
N CYS B 80 38.89 -6.75 15.20
CA CYS B 80 38.18 -6.07 16.28
C CYS B 80 38.91 -4.79 16.63
N LYS B 81 38.50 -4.16 17.74
CA LYS B 81 39.18 -2.97 18.21
C LYS B 81 40.51 -3.36 18.87
N GLU B 82 41.31 -2.42 19.11
CA GLU B 82 42.55 -2.65 19.85
C GLU B 82 42.20 -3.02 21.28
N GLY B 83 42.11 -4.33 21.55
CA GLY B 83 41.53 -4.80 22.80
C GLY B 83 41.24 -6.28 22.81
N LEU B 84 39.98 -6.65 23.11
CA LEU B 84 39.52 -8.03 23.26
C LEU B 84 39.89 -8.90 22.06
N TYR B 85 39.94 -10.23 22.26
CA TYR B 85 40.39 -11.16 21.23
C TYR B 85 39.27 -11.48 20.24
N LEU B 86 39.65 -12.19 19.16
CA LEU B 86 38.72 -12.59 18.10
C LEU B 86 38.73 -14.11 17.99
N HIS B 87 37.54 -14.87 17.81
CA HIS B 87 37.41 -16.32 17.73
C HIS B 87 36.30 -16.65 16.73
N LYS B 88 36.79 -17.18 15.58
CA LYS B 88 35.86 -17.65 14.56
C LYS B 88 34.83 -16.58 14.20
N GLY B 89 35.31 -15.35 14.02
CA GLY B 89 34.47 -14.25 13.63
C GLY B 89 33.75 -13.56 14.76
N ARG B 90 33.81 -13.95 16.02
CA ARG B 90 33.20 -13.32 17.18
C ARG B 90 34.28 -12.70 18.04
N CYS B 91 34.02 -11.31 18.44
CA CYS B 91 34.95 -10.59 19.30
C CYS B 91 34.51 -10.78 20.75
N TYR B 92 35.37 -11.34 21.66
CA TYR B 92 35.02 -11.67 23.03
C TYR B 92 36.09 -11.14 23.98
N PRO B 93 35.68 -10.73 25.19
CA PRO B 93 36.67 -10.21 26.16
C PRO B 93 37.77 -11.20 26.51
N ALA B 94 37.43 -12.55 26.51
CA ALA B 94 38.42 -13.59 26.77
C ALA B 94 38.25 -14.70 25.75
N CYS B 95 39.33 -15.42 25.46
CA CYS B 95 39.34 -16.50 24.47
C CYS B 95 38.57 -17.69 25.02
N PRO B 96 37.37 -17.97 24.50
CA PRO B 96 36.50 -18.99 25.11
C PRO B 96 36.92 -20.40 24.69
N GLU B 97 37.35 -21.16 25.69
CA GLU B 97 37.68 -22.57 25.49
C GLU B 97 38.82 -22.77 24.50
N GLY B 98 39.45 -21.65 24.13
CA GLY B 98 40.54 -21.73 23.17
C GLY B 98 41.92 -21.79 23.76
N SER B 99 42.04 -21.50 25.08
CA SER B 99 43.32 -21.51 25.77
C SER B 99 44.33 -20.58 25.09
N SER B 100 43.83 -19.41 24.66
CA SER B 100 44.69 -18.44 23.98
C SER B 100 44.24 -17.01 24.30
N GLY B 104 51.86 -14.10 20.39
CA GLY B 104 51.28 -13.06 21.28
C GLY B 104 50.21 -12.31 20.54
N THR B 105 49.85 -12.82 19.37
CA THR B 105 48.82 -12.16 18.55
C THR B 105 47.51 -12.05 19.30
N MET B 106 46.66 -11.10 18.92
CA MET B 106 45.33 -11.00 19.53
C MET B 106 44.46 -12.05 18.84
N GLU B 107 45.06 -12.83 17.92
CA GLU B 107 44.32 -13.94 17.28
C GLU B 107 44.08 -15.01 18.35
N CYS B 108 43.06 -15.84 18.22
CA CYS B 108 42.81 -16.79 19.34
C CYS B 108 42.13 -18.04 18.82
N SER B 109 42.89 -19.10 18.63
CA SER B 109 42.33 -20.38 18.13
C SER B 109 43.46 -21.40 17.97
N ILE C 4 -1.55 21.01 2.09
CA ILE C 4 -0.52 22.02 1.89
C ILE C 4 0.61 21.76 2.87
N ILE C 5 1.86 21.79 2.44
CA ILE C 5 3.07 21.69 3.26
C ILE C 5 3.55 23.12 3.47
N ARG C 6 3.04 23.87 4.60
CA ARG C 6 3.42 25.25 4.87
C ARG C 6 4.89 25.32 5.28
N VAL C 7 5.53 26.38 4.63
CA VAL C 7 6.96 26.56 4.92
C VAL C 7 7.04 27.52 6.10
N ILE C 8 7.46 27.00 7.34
CA ILE C 8 7.61 27.78 8.57
C ILE C 8 8.82 27.25 9.31
N PRO C 9 10.28 27.15 9.24
CA PRO C 9 11.48 26.56 9.85
C PRO C 9 11.64 26.98 11.30
N LEU C 10 12.42 26.18 12.02
CA LEU C 10 12.62 26.47 13.46
C LEU C 10 13.52 27.69 13.56
N LYS C 11 14.26 28.00 12.51
CA LYS C 11 15.06 29.24 12.60
C LYS C 11 14.19 30.40 12.11
N MET C 12 14.28 31.56 12.76
CA MET C 12 13.36 32.71 12.48
C MET C 12 13.50 33.20 11.05
N ASP C 13 12.36 33.55 10.44
CA ASP C 13 12.34 34.03 9.03
C ASP C 13 11.06 34.80 8.76
N PRO C 14 11.08 35.90 7.96
CA PRO C 14 9.86 36.66 7.63
C PRO C 14 9.14 36.12 6.39
N THR C 15 7.87 36.52 6.21
CA THR C 15 7.07 36.07 5.04
C THR C 15 7.23 34.56 4.88
N GLY C 16 7.65 33.86 5.94
CA GLY C 16 7.91 32.45 5.80
C GLY C 16 6.74 31.76 6.46
N LYS C 17 5.64 32.51 6.60
CA LYS C 17 4.38 31.91 7.12
C LYS C 17 3.54 31.62 5.88
N LEU C 18 2.91 30.45 5.81
CA LEU C 18 2.21 30.12 4.55
C LEU C 18 3.29 30.12 3.48
N ASN C 19 4.53 29.85 3.89
CA ASN C 19 5.65 29.94 2.92
C ASN C 19 5.46 28.80 1.94
N LEU C 20 4.35 28.09 2.06
CA LEU C 20 4.04 27.10 1.00
C LEU C 20 2.54 26.88 0.90
N THR C 21 2.09 26.34 -0.23
CA THR C 21 0.65 26.07 -0.49
C THR C 21 0.65 24.89 -1.45
N LEU C 22 0.11 23.72 -1.08
CA LEU C 22 0.29 22.56 -1.98
C LEU C 22 -0.98 21.75 -2.20
N GLU C 23 -0.88 20.47 -2.60
CA GLU C 23 -2.07 19.61 -2.89
C GLU C 23 -1.81 18.19 -2.39
N GLY C 24 -2.83 17.55 -1.82
CA GLY C 24 -2.60 16.23 -1.21
C GLY C 24 -3.78 15.31 -1.42
N VAL C 25 -3.95 14.84 -2.64
CA VAL C 25 -5.03 13.86 -2.91
C VAL C 25 -4.51 12.49 -2.50
N PHE C 26 -5.14 11.85 -1.52
CA PHE C 26 -4.75 10.47 -1.15
C PHE C 26 -4.46 9.67 -2.41
N THR C 33 -6.20 12.87 6.50
CA THR C 33 -6.19 13.32 7.91
C THR C 33 -5.21 14.48 8.10
N PRO C 34 -5.30 15.32 9.15
CA PRO C 34 -4.31 16.35 9.42
C PRO C 34 -3.24 15.92 10.44
N ALA C 35 -2.00 16.37 10.26
CA ALA C 35 -0.92 16.06 11.25
C ALA C 35 0.24 17.05 11.07
N GLU C 36 0.96 17.37 12.15
CA GLU C 36 2.11 18.26 11.99
C GLU C 36 3.35 17.62 12.59
N GLY C 37 4.48 17.80 11.82
CA GLY C 37 5.74 17.28 12.31
C GLY C 37 6.89 17.84 11.51
N LYS C 38 8.18 17.53 11.67
CA LYS C 38 9.39 18.00 11.00
C LYS C 38 9.64 17.22 9.72
N LEU C 39 10.20 17.68 8.51
CA LEU C 39 10.45 17.09 7.20
C LEU C 39 11.87 16.54 7.13
N MET C 40 12.08 15.38 6.64
CA MET C 40 13.36 14.74 6.42
C MET C 40 13.43 14.26 4.97
N GLN C 41 14.60 14.39 4.34
CA GLN C 41 14.74 13.90 2.93
C GLN C 41 14.62 12.38 2.94
N SER C 42 14.60 11.76 1.77
CA SER C 42 14.58 10.29 1.71
C SER C 42 15.07 9.85 0.34
N HIS C 43 16.30 9.36 0.25
CA HIS C 43 16.76 8.99 -1.08
C HIS C 43 15.81 7.95 -1.70
N PRO C 44 15.55 8.04 -3.16
CA PRO C 44 14.63 7.06 -3.78
C PRO C 44 15.06 5.62 -3.60
N LEU C 45 16.41 5.34 -3.79
CA LEU C 45 16.91 3.98 -3.60
C LEU C 45 16.93 3.54 -2.15
N TYR C 46 16.77 4.46 -1.19
CA TYR C 46 16.74 4.11 0.23
C TYR C 46 15.50 3.33 0.60
N LEU C 47 14.42 3.43 -0.16
CA LEU C 47 13.17 2.72 0.14
C LEU C 47 13.11 1.40 -0.63
N CYS C 48 13.99 0.58 0.06
CA CYS C 48 14.03 -0.75 -0.51
C CYS C 48 14.31 -1.75 0.61
N ASN C 49 14.03 -2.98 0.40
CA ASN C 49 14.17 -4.01 1.42
C ASN C 49 15.62 -4.18 1.85
N ALA C 50 16.56 -4.12 0.92
CA ALA C 50 17.96 -4.33 1.24
C ALA C 50 18.57 -3.17 2.02
N SER C 51 17.90 -2.11 1.89
CA SER C 51 18.45 -0.95 2.59
C SER C 51 18.31 -1.12 4.10
N ASP C 52 19.30 -0.75 4.69
CA ASP C 52 19.29 -0.81 6.15
C ASP C 52 18.38 0.29 6.71
N ASP C 53 17.52 -0.05 7.68
CA ASP C 53 16.60 0.89 8.32
C ASP C 53 17.34 1.58 9.46
N ASP C 54 17.57 2.89 9.28
CA ASP C 54 18.31 3.64 10.30
C ASP C 54 17.49 3.81 11.57
N ASN C 55 16.24 4.26 11.43
CA ASN C 55 15.35 4.53 12.56
C ASN C 55 16.02 5.46 13.58
N LEU C 56 16.52 6.67 13.18
CA LEU C 56 17.26 7.61 14.00
C LEU C 56 16.41 8.12 15.17
N GLU C 57 15.25 8.75 15.02
CA GLU C 57 14.37 9.27 16.05
C GLU C 57 12.97 9.42 15.45
N PRO C 58 11.96 9.27 16.27
CA PRO C 58 10.59 9.36 15.75
C PRO C 58 10.09 10.80 15.70
N GLY C 59 8.93 10.98 15.02
CA GLY C 59 8.33 12.30 14.87
C GLY C 59 8.96 13.11 13.77
N PHE C 60 8.81 12.62 12.48
CA PHE C 60 9.41 13.30 11.34
C PHE C 60 8.58 13.02 10.10
N ILE C 61 8.78 13.88 9.10
CA ILE C 61 8.10 13.75 7.82
C ILE C 61 9.16 13.55 6.74
N SER C 62 8.85 12.50 5.99
CA SER C 62 9.79 12.15 4.95
C SER C 62 9.35 12.74 3.62
N ILE C 63 10.39 13.43 3.04
CA ILE C 63 10.16 13.99 1.72
C ILE C 63 11.00 13.21 0.72
N VAL C 64 10.33 12.65 -0.32
CA VAL C 64 10.98 11.85 -1.34
C VAL C 64 10.80 12.56 -2.68
N LYS C 65 11.91 12.74 -3.42
CA LYS C 65 11.90 13.34 -4.74
C LYS C 65 12.16 12.26 -5.78
N LEU C 66 11.27 12.26 -6.83
CA LEU C 66 11.37 11.27 -7.89
C LEU C 66 11.97 11.91 -9.14
N GLU C 67 12.93 11.17 -9.83
CA GLU C 67 13.58 11.66 -11.03
C GLU C 67 12.75 11.31 -12.26
N SER C 68 13.21 11.38 -13.40
CA SER C 68 12.51 11.10 -14.65
C SER C 68 12.47 9.59 -14.88
N PRO C 69 11.29 8.91 -15.07
CA PRO C 69 11.23 7.47 -15.31
C PRO C 69 11.74 7.04 -16.68
N ARG C 70 11.94 8.10 -17.79
CA ARG C 70 12.41 7.74 -19.12
C ARG C 70 13.86 7.26 -19.09
N ARG C 71 14.75 8.03 -18.48
CA ARG C 71 16.15 7.57 -18.56
C ARG C 71 16.34 6.59 -17.40
N ALA C 72 15.32 6.46 -16.56
CA ALA C 72 15.47 5.65 -15.35
C ALA C 72 15.16 4.19 -15.63
N PRO C 73 15.91 3.24 -15.06
CA PRO C 73 15.55 1.83 -15.17
C PRO C 73 14.31 1.52 -14.32
N ARG C 74 13.74 0.37 -14.08
CA ARG C 74 12.57 -0.07 -13.32
C ARG C 74 12.83 0.11 -11.82
N PRO C 75 11.83 0.66 -10.81
CA PRO C 75 12.03 0.83 -9.37
C PRO C 75 12.08 -0.51 -8.64
N CYS C 76 12.72 -0.52 -7.51
CA CYS C 76 12.87 -1.74 -6.71
C CYS C 76 11.51 -2.29 -6.30
N LEU C 77 10.61 -1.44 -5.88
CA LEU C 77 9.28 -1.85 -5.44
C LEU C 77 8.24 -0.86 -5.96
N SER C 78 7.02 -1.16 -5.86
CA SER C 78 5.93 -0.29 -6.27
C SER C 78 5.90 0.97 -5.42
N LEU C 79 5.60 2.10 -6.06
CA LEU C 79 5.47 3.35 -5.29
C LEU C 79 4.54 3.01 -4.12
N ALA C 80 3.74 1.97 -4.33
CA ALA C 80 2.80 1.55 -3.27
C ALA C 80 3.59 1.08 -2.05
N SER C 81 4.33 -0.01 -2.23
CA SER C 81 5.05 -0.54 -1.04
C SER C 81 6.00 0.55 -0.63
N LYS C 82 6.36 1.43 -1.55
CA LYS C 82 7.32 2.52 -1.22
C LYS C 82 6.74 3.32 -0.07
N ALA C 83 5.63 4.01 -0.31
CA ALA C 83 4.99 4.74 0.80
C ALA C 83 4.76 3.79 1.97
N ARG C 84 4.28 2.57 1.72
CA ARG C 84 3.93 1.67 2.87
C ARG C 84 5.10 1.59 3.84
N MET C 85 6.23 1.07 3.35
CA MET C 85 7.41 0.86 4.22
C MET C 85 7.71 2.15 4.95
N ALA C 86 7.60 3.28 4.27
CA ALA C 86 7.97 4.55 4.91
C ALA C 86 7.17 4.62 6.20
N GLY C 87 5.92 4.16 6.15
CA GLY C 87 5.06 4.29 7.33
C GLY C 87 5.81 3.80 8.55
N GLU C 88 6.25 2.55 8.50
CA GLU C 88 6.96 1.95 9.65
C GLU C 88 7.96 2.97 10.20
N ARG C 89 8.63 3.70 9.31
CA ARG C 89 9.69 4.62 9.79
C ARG C 89 9.05 5.68 10.69
N GLY C 90 9.76 6.05 11.75
CA GLY C 90 9.24 7.09 12.65
C GLY C 90 8.73 8.28 11.85
N ALA C 91 9.21 8.43 10.61
CA ALA C 91 8.66 9.50 9.76
C ALA C 91 7.15 9.26 9.79
N SER C 92 6.39 10.18 10.39
CA SER C 92 4.93 9.97 10.57
C SER C 92 4.14 10.44 9.34
N ALA C 93 4.77 11.22 8.46
CA ALA C 93 4.08 11.74 7.25
C ALA C 93 4.90 11.40 6.00
N VAL C 94 4.27 11.40 4.82
CA VAL C 94 5.00 10.99 3.58
C VAL C 94 4.56 11.89 2.40
N LEU C 95 5.51 12.60 1.77
CA LEU C 95 5.21 13.44 0.57
C LEU C 95 5.94 12.85 -0.63
N PHE C 96 5.56 13.22 -1.86
CA PHE C 96 6.17 12.59 -3.06
C PHE C 96 6.28 13.65 -4.17
N ASP C 97 7.41 13.75 -4.87
CA ASP C 97 7.60 14.80 -5.85
C ASP C 97 7.41 14.23 -7.26
N ILE C 98 6.45 14.86 -8.13
CA ILE C 98 6.14 14.39 -9.47
C ILE C 98 6.46 15.48 -10.50
N THR C 99 7.23 16.43 -10.22
CA THR C 99 7.59 17.51 -11.14
C THR C 99 8.16 16.96 -12.44
N GLU C 100 9.20 16.03 -12.39
CA GLU C 100 9.76 15.34 -13.55
C GLU C 100 9.12 13.98 -13.77
N ASP C 101 7.99 13.75 -13.07
CA ASP C 101 7.24 12.49 -13.33
C ASP C 101 5.74 12.66 -13.00
N ARG C 102 4.87 13.19 -13.88
CA ARG C 102 3.41 13.31 -13.46
C ARG C 102 2.71 11.93 -13.59
N ALA C 103 3.43 10.96 -14.11
CA ALA C 103 2.86 9.61 -14.13
C ALA C 103 2.82 9.14 -12.67
N ALA C 104 3.75 9.62 -11.85
CA ALA C 104 3.77 9.26 -10.42
C ALA C 104 2.57 9.94 -9.78
N ALA C 105 2.22 11.12 -10.27
CA ALA C 105 0.97 11.79 -9.85
C ALA C 105 -0.19 10.83 -10.07
N GLU C 106 -0.30 10.25 -11.26
CA GLU C 106 -1.49 9.35 -11.38
C GLU C 106 -1.23 7.91 -10.89
N GLN C 107 -0.06 7.60 -10.34
CA GLN C 107 0.36 6.20 -10.00
C GLN C 107 -0.43 5.31 -9.03
N LEU C 108 -0.45 3.99 -9.28
CA LEU C 108 -1.01 2.98 -8.34
C LEU C 108 -2.50 3.27 -8.12
N GLN C 109 -3.10 2.65 -7.11
CA GLN C 109 -4.52 2.92 -6.78
C GLN C 109 -4.59 4.33 -6.23
N GLN C 110 -5.11 5.27 -7.02
CA GLN C 110 -5.12 6.67 -6.55
C GLN C 110 -5.53 6.65 -5.07
N PRO C 111 -6.58 5.89 -4.67
CA PRO C 111 -6.99 5.80 -3.26
C PRO C 111 -5.89 5.34 -2.29
N LEU C 112 -5.92 5.88 -1.07
CA LEU C 112 -4.90 5.51 -0.05
C LEU C 112 -5.39 4.26 0.67
N GLY C 113 -5.03 3.08 0.16
CA GLY C 113 -5.36 1.86 0.89
C GLY C 113 -4.70 1.97 2.24
N LEU C 114 -3.74 2.89 2.35
CA LEU C 114 -3.05 3.14 3.64
C LEU C 114 -3.72 4.32 4.34
N THR C 115 -3.17 4.74 5.48
CA THR C 115 -3.76 5.87 6.23
C THR C 115 -2.72 6.94 6.56
N TRP C 116 -1.45 6.55 6.67
CA TRP C 116 -0.40 7.56 6.88
C TRP C 116 -0.64 8.57 5.77
N PRO C 117 -1.11 9.80 6.06
CA PRO C 117 -1.45 10.75 5.00
C PRO C 117 -0.44 10.76 3.85
N VAL C 118 -0.89 10.46 2.63
CA VAL C 118 0.00 10.52 1.44
C VAL C 118 -0.31 11.82 0.73
N VAL C 119 0.72 12.57 0.38
CA VAL C 119 0.43 13.90 -0.19
C VAL C 119 1.42 14.02 -1.34
N LEU C 120 0.95 13.88 -2.59
CA LEU C 120 1.86 14.09 -3.73
C LEU C 120 1.98 15.60 -3.77
N ILE C 121 2.77 16.13 -4.70
CA ILE C 121 2.73 17.61 -4.81
C ILE C 121 2.44 18.14 -6.22
N TRP C 122 3.15 17.68 -7.26
CA TRP C 122 2.97 18.32 -8.59
C TRP C 122 3.28 19.80 -8.39
N GLY C 123 4.18 20.12 -7.47
CA GLY C 123 4.44 21.53 -7.11
C GLY C 123 5.40 22.26 -8.02
N ASN C 124 4.92 23.33 -8.67
CA ASN C 124 5.81 24.18 -9.50
C ASN C 124 6.55 25.13 -8.56
N ASP C 125 6.13 25.24 -7.31
CA ASP C 125 6.77 26.05 -6.24
C ASP C 125 7.23 25.09 -5.15
N ALA C 126 6.85 23.81 -5.25
CA ALA C 126 7.22 22.82 -4.22
C ALA C 126 8.61 22.31 -4.60
N GLU C 127 8.91 22.35 -5.88
CA GLU C 127 10.30 22.07 -6.30
C GLU C 127 11.06 23.34 -5.90
N LYS C 128 10.33 24.46 -5.93
CA LYS C 128 11.05 25.64 -5.42
C LYS C 128 11.37 25.39 -3.92
N LEU C 129 10.47 24.71 -3.21
CA LEU C 129 10.63 24.45 -1.76
C LEU C 129 11.68 23.37 -1.54
N MET C 130 11.89 22.52 -2.53
CA MET C 130 12.95 21.50 -2.48
C MET C 130 14.28 22.25 -2.61
N GLU C 131 14.31 23.29 -3.42
CA GLU C 131 15.54 24.13 -3.49
C GLU C 131 15.71 24.78 -2.13
N PHE C 132 14.56 25.06 -1.49
CA PHE C 132 14.64 25.59 -0.10
C PHE C 132 15.31 24.52 0.78
N VAL C 133 14.80 23.28 0.78
CA VAL C 133 15.39 22.16 1.58
C VAL C 133 16.89 22.18 1.32
N TYR C 134 17.28 22.48 0.09
CA TYR C 134 18.73 22.66 -0.10
C TYR C 134 19.07 23.79 0.86
N LYS C 135 18.58 25.00 0.57
CA LYS C 135 18.85 26.19 1.43
C LYS C 135 20.35 26.45 1.52
N ASN C 136 20.75 27.43 2.33
CA ASN C 136 22.20 27.69 2.56
C ASN C 136 22.57 27.07 3.89
N GLN C 137 21.57 26.83 4.76
CA GLN C 137 21.81 26.18 6.06
C GLN C 137 21.10 24.82 6.06
N LYS C 138 21.12 24.14 4.91
CA LYS C 138 20.46 22.82 4.81
C LYS C 138 19.02 22.96 5.32
N ALA C 139 18.75 22.59 6.57
CA ALA C 139 17.33 22.68 7.00
C ALA C 139 17.19 23.21 8.42
N HIS C 140 17.24 22.30 9.40
CA HIS C 140 16.93 22.78 10.76
C HIS C 140 15.65 23.56 10.55
N VAL C 141 14.78 22.98 9.71
CA VAL C 141 13.54 23.67 9.37
C VAL C 141 12.36 22.83 9.84
N ARG C 142 11.48 23.52 10.57
CA ARG C 142 10.29 22.87 11.15
C ARG C 142 9.28 22.77 10.01
N ILE C 143 8.25 21.93 10.14
CA ILE C 143 7.36 21.76 8.96
C ILE C 143 5.89 21.89 9.34
N GLU C 144 5.08 22.38 8.41
CA GLU C 144 3.64 22.57 8.68
C GLU C 144 2.83 21.85 7.61
N LEU C 145 1.91 20.98 8.02
CA LEU C 145 1.02 20.33 7.03
C LEU C 145 -0.10 21.30 6.70
N LYS C 146 -1.02 20.92 5.81
CA LYS C 146 -2.20 21.78 5.51
C LYS C 146 -3.07 21.09 4.47
#